data_1O6F
#
_entry.id   1O6F
#
_cell.length_a   71.400
_cell.length_b   100.200
_cell.length_c   111.300
_cell.angle_alpha   90.00
_cell.angle_beta   90.00
_cell.angle_gamma   90.00
#
_symmetry.space_group_name_H-M   'P 21 21 21'
#
loop_
_entity.id
_entity.type
_entity.pdbx_description
1 polymer 'Prolyl endopeptidase'
2 non-polymer GLYCINE
3 non-polymer PROLINE
4 non-polymer 'SUCCINIC ACID'
5 non-polymer GLYCEROL
6 water water
#
_entity_poly.entity_id   1
_entity_poly.type   'polypeptide(L)'
_entity_poly.pdbx_seq_one_letter_code
;MLSFQYPDVYRDETAIQDYHGHKVCDPYAWLEDPDSEQTKAFVEAQNKITVPFLEQCPIRGLYKERMTELYDYPKYSCHF
KKGKRYFYFYNTGLQNQRVLYVQDSLEGEARVFLDPNILSDDGTVALRGYAFSEDGEYFAYGLSASGSDWVTIKFMKVDG
AKELPDVLERVKFSCMAWTHDGKGMFYNAYPQQDGKSDGTETSTNLHQKLYYHVLGTDQSEDILCAEFPDEPKWMGGAEL
SDDGRYVLLSIREGCDPVNRLWYCDLQQESNGITGILKWVKLIDNFEGEYDYVTNEGTVFTFKTNRHSPNYRLINIDFTD
PEESKWKVLVPEHEKDVLEWVACVRSNFLVLCYLHDVKNTLQLHDLATGALLKIFPLEVGSVVGYSGQKKDTEIFYQFTS
FLSPGIIYHCDLTKEELEPRVFREVTVKGIDASDYQTVQIFYPSKDGTKIPMFIVHKKGIKLDGSHPAFLYGYGGFNISI
TPNYSVSRLIFVRHMGGVLAVANIRGGGEYGETWHKGGILANKQNCFDDFQCAAEYLIKEGYTSPKRLTINGGSNGGLLV
ATCANQRPDLFGCVIAQVGVMDMLKFHKYTIGHAWTTDYGCSDSKQHFEWLIKYSPLHNVKLPEADDIQYPSMLLLTADH
ADRVVPLHSLKFIATLQYIVGRSRKQNNPLLIHVDTKAGHGAGKPTAKVIEEVSDMFAFIARCLNIDWIP
;
_entity_poly.pdbx_strand_id   A
#
loop_
_chem_comp.id
_chem_comp.type
_chem_comp.name
_chem_comp.formula
GOL non-polymer GLYCEROL 'C3 H8 O3'
SIN non-polymer 'SUCCINIC ACID' 'C4 H6 O4'
#
# COMPACT_ATOMS: atom_id res chain seq x y z
N MET A 1 28.21 -6.61 22.98
CA MET A 1 26.85 -6.04 23.04
C MET A 1 25.78 -7.11 23.28
N LEU A 2 25.86 -8.20 22.53
CA LEU A 2 24.89 -9.29 22.66
C LEU A 2 24.95 -9.87 24.08
N SER A 3 23.80 -9.86 24.77
CA SER A 3 23.72 -10.37 26.13
C SER A 3 22.43 -11.14 26.38
N PHE A 4 22.04 -11.97 25.41
CA PHE A 4 20.83 -12.78 25.52
C PHE A 4 21.07 -14.07 24.75
N GLN A 5 20.20 -15.05 24.96
CA GLN A 5 20.31 -16.35 24.30
C GLN A 5 19.07 -16.55 23.43
N TYR A 6 19.27 -17.07 22.22
CA TYR A 6 18.14 -17.33 21.32
C TYR A 6 17.34 -18.52 21.86
N PRO A 7 16.00 -18.48 21.71
CA PRO A 7 15.20 -19.60 22.21
C PRO A 7 15.37 -20.88 21.43
N ASP A 8 15.07 -21.98 22.11
CA ASP A 8 15.15 -23.30 21.51
C ASP A 8 13.94 -23.46 20.59
N VAL A 9 14.20 -23.91 19.36
CA VAL A 9 13.14 -24.10 18.37
C VAL A 9 13.30 -25.46 17.71
N TYR A 10 12.27 -26.29 17.84
CA TYR A 10 12.30 -27.64 17.31
C TYR A 10 12.39 -27.64 15.79
N ARG A 11 13.26 -28.50 15.27
CA ARG A 11 13.44 -28.67 13.84
C ARG A 11 12.85 -30.01 13.40
N ASP A 12 11.83 -29.97 12.56
CA ASP A 12 11.23 -31.20 12.06
C ASP A 12 12.05 -31.60 10.83
N GLU A 13 13.05 -32.44 11.07
CA GLU A 13 13.93 -32.88 10.01
C GLU A 13 13.27 -33.83 9.00
N THR A 14 12.03 -34.24 9.25
CA THR A 14 11.34 -35.15 8.34
C THR A 14 10.50 -34.39 7.32
N ALA A 15 10.38 -33.08 7.52
CA ALA A 15 9.59 -32.24 6.61
C ALA A 15 10.34 -32.01 5.31
N ILE A 16 10.23 -32.96 4.39
CA ILE A 16 10.92 -32.87 3.11
C ILE A 16 9.88 -32.90 1.99
N GLN A 17 10.00 -31.99 1.02
CA GLN A 17 9.06 -31.96 -0.09
C GLN A 17 9.84 -31.92 -1.40
N ASP A 18 9.35 -32.62 -2.40
CA ASP A 18 10.01 -32.61 -3.69
C ASP A 18 9.36 -31.59 -4.61
N TYR A 19 10.17 -30.67 -5.10
CA TYR A 19 9.71 -29.65 -6.02
C TYR A 19 10.38 -29.92 -7.36
N HIS A 20 9.65 -30.58 -8.26
CA HIS A 20 10.17 -30.87 -9.59
C HIS A 20 11.53 -31.57 -9.62
N GLY A 21 11.79 -32.42 -8.62
CA GLY A 21 13.05 -33.13 -8.56
C GLY A 21 14.02 -32.55 -7.56
N HIS A 22 13.76 -31.33 -7.10
CA HIS A 22 14.60 -30.67 -6.13
C HIS A 22 13.98 -30.89 -4.75
N LYS A 23 14.71 -31.54 -3.86
CA LYS A 23 14.23 -31.81 -2.50
C LYS A 23 14.41 -30.54 -1.66
N VAL A 24 13.38 -30.18 -0.92
CA VAL A 24 13.40 -29.00 -0.05
C VAL A 24 12.96 -29.35 1.37
N CYS A 25 13.81 -29.00 2.34
CA CYS A 25 13.51 -29.25 3.75
C CYS A 25 12.87 -27.99 4.32
N ASP A 26 11.84 -28.17 5.15
CA ASP A 26 11.14 -27.04 5.79
C ASP A 26 10.97 -27.47 7.24
N PRO A 27 12.07 -27.46 7.99
CA PRO A 27 12.01 -27.88 9.40
C PRO A 27 11.14 -27.06 10.35
N TYR A 28 10.80 -25.84 9.97
CA TYR A 28 9.95 -25.01 10.83
C TYR A 28 8.54 -24.87 10.24
N ALA A 29 8.14 -25.86 9.44
CA ALA A 29 6.82 -25.84 8.80
C ALA A 29 5.71 -25.76 9.82
N TRP A 30 5.98 -26.22 11.03
CA TRP A 30 4.97 -26.19 12.06
C TRP A 30 4.61 -24.78 12.53
N LEU A 31 5.43 -23.80 12.17
CA LEU A 31 5.11 -22.43 12.57
C LEU A 31 3.99 -21.86 11.70
N GLU A 32 3.58 -22.65 10.71
CA GLU A 32 2.50 -22.24 9.81
C GLU A 32 1.15 -22.25 10.52
N ASP A 33 1.08 -22.92 11.67
CA ASP A 33 -0.16 -22.98 12.46
C ASP A 33 -0.11 -21.90 13.53
N PRO A 34 -0.88 -20.82 13.35
CA PRO A 34 -0.88 -19.73 14.33
C PRO A 34 -1.49 -20.03 15.69
N ASP A 35 -2.44 -20.95 15.76
CA ASP A 35 -3.05 -21.20 17.06
C ASP A 35 -2.50 -22.35 17.89
N SER A 36 -1.43 -22.97 17.43
CA SER A 36 -0.86 -24.06 18.21
C SER A 36 -0.12 -23.53 19.41
N GLU A 37 -0.01 -24.35 20.46
CA GLU A 37 0.71 -23.98 21.67
C GLU A 37 2.20 -23.79 21.33
N GLN A 38 2.69 -24.60 20.40
CA GLN A 38 4.09 -24.52 19.95
C GLN A 38 4.39 -23.19 19.31
N THR A 39 3.51 -22.73 18.41
CA THR A 39 3.73 -21.44 17.74
C THR A 39 3.56 -20.29 18.74
N LYS A 40 2.54 -20.37 19.58
CA LYS A 40 2.33 -19.34 20.58
C LYS A 40 3.55 -19.23 21.51
N ALA A 41 4.14 -20.37 21.89
CA ALA A 41 5.30 -20.37 22.77
C ALA A 41 6.49 -19.73 22.07
N PHE A 42 6.63 -20.02 20.78
CA PHE A 42 7.70 -19.49 19.95
C PHE A 42 7.63 -17.96 19.92
N VAL A 43 6.43 -17.43 19.69
CA VAL A 43 6.26 -15.99 19.66
C VAL A 43 6.58 -15.35 20.99
N GLU A 44 6.09 -15.94 22.08
CA GLU A 44 6.36 -15.38 23.40
C GLU A 44 7.85 -15.36 23.71
N ALA A 45 8.53 -16.44 23.33
CA ALA A 45 9.96 -16.57 23.55
C ALA A 45 10.75 -15.52 22.77
N GLN A 46 10.37 -15.32 21.52
CA GLN A 46 11.04 -14.33 20.70
C GLN A 46 10.81 -12.91 21.23
N ASN A 47 9.58 -12.58 21.58
CA ASN A 47 9.28 -11.24 22.09
C ASN A 47 10.01 -10.99 23.43
N LYS A 48 10.23 -12.07 24.18
CA LYS A 48 10.91 -12.00 25.47
C LYS A 48 12.31 -11.43 25.38
N ILE A 49 13.00 -11.72 24.26
CA ILE A 49 14.35 -11.20 24.06
C ILE A 49 14.38 -9.88 23.28
N THR A 50 13.46 -9.71 22.34
CA THR A 50 13.41 -8.51 21.52
C THR A 50 13.08 -7.23 22.28
N VAL A 51 12.05 -7.29 23.10
CA VAL A 51 11.63 -6.11 23.84
C VAL A 51 12.73 -5.51 24.72
N PRO A 52 13.32 -6.31 25.63
CA PRO A 52 14.38 -5.74 26.48
C PRO A 52 15.55 -5.21 25.64
N PHE A 53 15.84 -5.82 24.50
CA PHE A 53 16.94 -5.32 23.67
C PHE A 53 16.62 -3.92 23.15
N LEU A 54 15.39 -3.73 22.67
CA LEU A 54 14.97 -2.44 22.12
C LEU A 54 14.80 -1.33 23.17
N GLU A 55 14.43 -1.72 24.38
CA GLU A 55 14.21 -0.75 25.44
C GLU A 55 15.37 -0.45 26.38
N GLN A 56 16.48 -1.16 26.22
CA GLN A 56 17.66 -0.94 27.04
C GLN A 56 18.28 0.44 26.85
N CYS A 57 18.31 0.91 25.61
CA CYS A 57 18.90 2.21 25.30
C CYS A 57 17.95 3.39 25.55
N PRO A 58 18.44 4.41 26.28
CA PRO A 58 17.65 5.61 26.60
C PRO A 58 17.21 6.30 25.31
N ILE A 59 17.92 6.01 24.22
CA ILE A 59 17.62 6.59 22.92
C ILE A 59 16.16 6.37 22.50
N ARG A 60 15.61 5.20 22.83
CA ARG A 60 14.22 4.90 22.46
C ARG A 60 13.25 5.90 23.09
N GLY A 61 13.48 6.24 24.35
CA GLY A 61 12.61 7.18 25.03
C GLY A 61 12.75 8.60 24.47
N LEU A 62 13.97 8.96 24.08
CA LEU A 62 14.26 10.28 23.52
C LEU A 62 13.55 10.43 22.16
N TYR A 63 13.65 9.38 21.35
CA TYR A 63 13.03 9.37 20.03
C TYR A 63 11.53 9.43 20.19
N LYS A 64 10.99 8.56 21.04
CA LYS A 64 9.56 8.48 21.29
C LYS A 64 8.98 9.84 21.73
N GLU A 65 9.66 10.50 22.67
CA GLU A 65 9.23 11.81 23.15
C GLU A 65 9.24 12.84 22.01
N ARG A 66 10.29 12.82 21.20
CA ARG A 66 10.42 13.77 20.09
C ARG A 66 9.34 13.52 19.05
N MET A 67 9.15 12.25 18.70
CA MET A 67 8.14 11.83 17.72
C MET A 67 6.77 12.28 18.21
N THR A 68 6.51 12.12 19.51
CA THR A 68 5.22 12.50 20.05
C THR A 68 4.99 14.00 19.95
N GLU A 69 6.07 14.78 20.12
CA GLU A 69 5.95 16.23 20.01
C GLU A 69 5.78 16.68 18.56
N LEU A 70 6.68 16.22 17.70
CA LEU A 70 6.67 16.61 16.29
C LEU A 70 5.52 16.09 15.42
N TYR A 71 4.99 14.91 15.77
CA TYR A 71 3.90 14.30 15.00
C TYR A 71 2.57 14.94 15.38
N ASP A 72 2.58 15.74 16.45
CA ASP A 72 1.39 16.42 16.94
C ASP A 72 1.12 17.70 16.16
N TYR A 73 0.67 17.54 14.93
CA TYR A 73 0.32 18.68 14.07
C TYR A 73 -1.04 18.35 13.47
N PRO A 74 -1.87 19.35 13.17
CA PRO A 74 -3.18 19.08 12.59
C PRO A 74 -3.07 18.35 11.25
N LYS A 75 -3.88 17.31 11.05
CA LYS A 75 -3.86 16.53 9.82
C LYS A 75 -5.25 16.54 9.17
N TYR A 76 -5.36 17.12 7.97
CA TYR A 76 -6.62 17.22 7.25
C TYR A 76 -6.65 16.48 5.91
N SER A 77 -7.83 16.05 5.49
CA SER A 77 -8.04 15.43 4.17
C SER A 77 -8.68 16.59 3.38
N CYS A 78 -8.75 16.44 2.06
CA CYS A 78 -9.40 17.45 1.23
C CYS A 78 -10.87 17.45 1.60
N HIS A 79 -11.53 18.58 1.41
CA HIS A 79 -12.97 18.64 1.63
C HIS A 79 -13.56 17.93 0.41
N PHE A 80 -14.72 17.31 0.59
CA PHE A 80 -15.42 16.71 -0.55
C PHE A 80 -16.90 16.95 -0.31
N LYS A 81 -17.63 17.20 -1.37
CA LYS A 81 -19.05 17.47 -1.22
C LYS A 81 -19.84 16.24 -1.59
N LYS A 82 -20.89 15.97 -0.83
CA LYS A 82 -21.77 14.85 -1.11
C LYS A 82 -23.16 15.40 -0.85
N GLY A 83 -23.95 15.45 -1.90
CA GLY A 83 -25.29 16.00 -1.76
C GLY A 83 -25.11 17.49 -1.46
N LYS A 84 -25.83 17.95 -0.45
CA LYS A 84 -25.80 19.35 -0.04
C LYS A 84 -24.81 19.70 1.05
N ARG A 85 -23.97 18.73 1.45
CA ARG A 85 -23.02 18.97 2.55
C ARG A 85 -21.55 18.71 2.18
N TYR A 86 -20.64 19.29 2.96
CA TYR A 86 -19.20 19.05 2.76
C TYR A 86 -18.72 18.17 3.89
N PHE A 87 -17.74 17.33 3.59
CA PHE A 87 -17.17 16.43 4.58
C PHE A 87 -15.68 16.52 4.45
N TYR A 88 -14.98 16.19 5.54
CA TYR A 88 -13.52 16.12 5.53
C TYR A 88 -13.08 15.33 6.75
N PHE A 89 -11.91 14.72 6.66
CA PHE A 89 -11.33 13.97 7.77
C PHE A 89 -10.36 14.92 8.43
N TYR A 90 -10.23 14.81 9.75
CA TYR A 90 -9.36 15.69 10.49
C TYR A 90 -8.90 15.00 11.75
N ASN A 91 -7.60 15.13 12.05
CA ASN A 91 -7.03 14.56 13.28
C ASN A 91 -6.37 15.77 13.91
N THR A 92 -6.74 16.05 15.17
CA THR A 92 -6.21 17.21 15.88
C THR A 92 -4.70 17.17 16.02
N GLY A 93 -4.16 15.96 15.92
CA GLY A 93 -2.73 15.76 15.99
C GLY A 93 -2.33 14.36 16.43
N LEU A 94 -2.76 13.99 17.63
CA LEU A 94 -2.41 12.71 18.24
C LEU A 94 -3.57 11.73 18.47
N GLN A 95 -4.71 11.99 17.87
CA GLN A 95 -5.83 11.07 18.02
C GLN A 95 -5.42 9.76 17.35
N ASN A 96 -5.90 8.64 17.88
CA ASN A 96 -5.54 7.36 17.30
C ASN A 96 -6.04 7.17 15.89
N GLN A 97 -7.25 7.68 15.62
CA GLN A 97 -7.90 7.59 14.30
C GLN A 97 -8.40 8.97 13.89
N ARG A 98 -8.35 9.28 12.58
CA ARG A 98 -8.86 10.56 12.12
C ARG A 98 -10.40 10.50 12.19
N VAL A 99 -11.02 11.67 12.40
CA VAL A 99 -12.48 11.76 12.54
C VAL A 99 -13.08 12.40 11.29
N LEU A 100 -14.26 11.93 10.90
CA LEU A 100 -14.97 12.46 9.72
C LEU A 100 -15.94 13.53 10.21
N TYR A 101 -15.82 14.73 9.65
CA TYR A 101 -16.67 15.86 10.01
C TYR A 101 -17.58 16.24 8.86
N VAL A 102 -18.65 16.95 9.19
CA VAL A 102 -19.61 17.41 8.20
C VAL A 102 -19.96 18.86 8.47
N GLN A 103 -20.25 19.57 7.39
CA GLN A 103 -20.68 20.96 7.46
C GLN A 103 -21.63 21.25 6.31
N ASP A 104 -22.56 22.18 6.55
CA ASP A 104 -23.57 22.55 5.55
C ASP A 104 -23.06 23.46 4.43
N SER A 105 -21.95 24.15 4.68
CA SER A 105 -21.37 25.03 3.69
C SER A 105 -19.89 25.19 4.01
N LEU A 106 -19.11 25.58 3.02
CA LEU A 106 -17.68 25.74 3.17
C LEU A 106 -17.32 26.72 4.29
N GLU A 107 -18.22 27.65 4.56
CA GLU A 107 -18.01 28.64 5.62
C GLU A 107 -18.91 28.38 6.82
N GLY A 108 -19.44 27.16 6.89
CA GLY A 108 -20.32 26.80 7.99
C GLY A 108 -19.63 26.08 9.13
N GLU A 109 -20.34 25.96 10.25
CA GLU A 109 -19.81 25.30 11.44
C GLU A 109 -19.74 23.80 11.19
N ALA A 110 -18.59 23.20 11.47
CA ALA A 110 -18.42 21.77 11.29
C ALA A 110 -18.79 21.02 12.56
N ARG A 111 -19.25 19.79 12.39
CA ARG A 111 -19.61 18.94 13.52
C ARG A 111 -19.13 17.53 13.20
N VAL A 112 -18.86 16.76 14.24
CA VAL A 112 -18.41 15.39 14.06
C VAL A 112 -19.51 14.56 13.42
N PHE A 113 -19.14 13.74 12.43
CA PHE A 113 -20.08 12.87 11.75
C PHE A 113 -19.81 11.42 12.14
N LEU A 114 -18.53 11.02 12.09
CA LEU A 114 -18.13 9.66 12.45
C LEU A 114 -16.76 9.70 13.16
N ASP A 115 -16.75 9.26 14.41
CA ASP A 115 -15.55 9.24 15.24
C ASP A 115 -15.19 7.80 15.58
N PRO A 116 -14.23 7.21 14.86
CA PRO A 116 -13.85 5.83 15.15
C PRO A 116 -13.17 5.65 16.51
N ASN A 117 -12.70 6.74 17.12
CA ASN A 117 -12.01 6.62 18.40
C ASN A 117 -12.86 6.08 19.54
N ILE A 118 -14.16 6.34 19.50
CA ILE A 118 -15.03 5.87 20.57
C ILE A 118 -15.43 4.41 20.39
N LEU A 119 -14.89 3.75 19.35
CA LEU A 119 -15.20 2.36 19.06
C LEU A 119 -14.25 1.37 19.73
N SER A 120 -13.18 1.87 20.31
CA SER A 120 -12.20 1.04 21.00
C SER A 120 -11.30 1.92 21.88
N ASP A 121 -10.80 1.35 22.97
CA ASP A 121 -9.93 2.05 23.92
C ASP A 121 -8.57 2.36 23.32
N ASP A 122 -8.05 1.42 22.53
CA ASP A 122 -6.72 1.58 21.94
C ASP A 122 -6.71 2.04 20.48
N GLY A 123 -7.87 2.40 19.96
CA GLY A 123 -7.94 2.86 18.57
C GLY A 123 -7.66 1.79 17.52
N THR A 124 -7.97 0.54 17.85
CA THR A 124 -7.73 -0.55 16.90
C THR A 124 -8.92 -0.90 16.00
N VAL A 125 -9.97 -0.09 16.04
CA VAL A 125 -11.10 -0.27 15.16
C VAL A 125 -10.97 0.91 14.22
N ALA A 126 -10.82 0.64 12.93
CA ALA A 126 -10.61 1.66 11.94
C ALA A 126 -11.55 1.60 10.74
N LEU A 127 -11.74 2.76 10.13
CA LEU A 127 -12.57 2.86 8.94
C LEU A 127 -11.79 2.20 7.81
N ARG A 128 -12.46 1.38 7.02
CA ARG A 128 -11.85 0.74 5.87
C ARG A 128 -12.88 0.71 4.74
N GLY A 129 -12.90 1.80 3.98
CA GLY A 129 -13.80 1.94 2.86
C GLY A 129 -15.10 2.63 3.23
N TYR A 130 -15.66 3.39 2.31
CA TYR A 130 -16.94 4.04 2.54
C TYR A 130 -17.56 4.44 1.22
N ALA A 131 -18.86 4.64 1.23
CA ALA A 131 -19.58 5.02 0.03
C ALA A 131 -20.86 5.74 0.38
N PHE A 132 -21.00 6.93 -0.17
CA PHE A 132 -22.21 7.71 0.04
C PHE A 132 -23.21 7.41 -1.06
N SER A 133 -24.51 7.53 -0.75
CA SER A 133 -25.52 7.34 -1.76
C SER A 133 -25.37 8.53 -2.71
N GLU A 134 -25.82 8.38 -3.95
CA GLU A 134 -25.73 9.44 -4.94
C GLU A 134 -26.25 10.79 -4.48
N ASP A 135 -27.34 10.79 -3.75
CA ASP A 135 -27.90 12.06 -3.28
C ASP A 135 -27.23 12.56 -2.00
N GLY A 136 -26.30 11.74 -1.50
CA GLY A 136 -25.55 12.10 -0.30
C GLY A 136 -26.31 12.00 1.01
N GLU A 137 -27.48 11.35 1.01
CA GLU A 137 -28.26 11.25 2.22
C GLU A 137 -28.05 10.01 3.08
N TYR A 138 -27.36 9.02 2.53
CA TYR A 138 -27.08 7.78 3.24
C TYR A 138 -25.60 7.51 3.07
N PHE A 139 -25.03 6.83 4.05
CA PHE A 139 -23.61 6.57 4.10
C PHE A 139 -23.33 5.14 4.58
N ALA A 140 -22.48 4.45 3.82
CA ALA A 140 -22.06 3.08 4.13
C ALA A 140 -20.57 3.19 4.47
N TYR A 141 -20.12 2.45 5.49
CA TYR A 141 -18.70 2.49 5.84
C TYR A 141 -18.26 1.13 6.36
N GLY A 142 -17.02 0.78 6.07
CA GLY A 142 -16.52 -0.49 6.55
C GLY A 142 -15.67 -0.28 7.79
N LEU A 143 -15.71 -1.24 8.69
CA LEU A 143 -14.91 -1.20 9.90
C LEU A 143 -14.07 -2.46 9.96
N SER A 144 -12.79 -2.28 10.25
CA SER A 144 -11.87 -3.41 10.39
C SER A 144 -11.35 -3.37 11.83
N ALA A 145 -11.26 -4.54 12.44
CA ALA A 145 -10.76 -4.62 13.81
C ALA A 145 -9.37 -5.21 13.87
N SER A 146 -8.54 -4.63 14.73
CA SER A 146 -7.18 -5.09 14.94
C SER A 146 -6.29 -5.17 13.71
N GLY A 147 -6.56 -4.32 12.72
CA GLY A 147 -5.76 -4.30 11.52
C GLY A 147 -6.08 -5.32 10.46
N SER A 148 -7.06 -6.18 10.70
CA SER A 148 -7.41 -7.19 9.71
C SER A 148 -8.04 -6.63 8.43
N ASP A 149 -7.85 -7.36 7.34
CA ASP A 149 -8.44 -6.99 6.05
C ASP A 149 -9.95 -7.24 6.06
N TRP A 150 -10.43 -8.08 7.00
CA TRP A 150 -11.87 -8.35 7.08
C TRP A 150 -12.58 -7.07 7.48
N VAL A 151 -13.75 -6.87 6.89
CA VAL A 151 -14.55 -5.68 7.12
C VAL A 151 -16.01 -6.02 7.43
N THR A 152 -16.63 -5.19 8.27
CA THR A 152 -18.06 -5.29 8.57
C THR A 152 -18.56 -3.95 8.05
N ILE A 153 -19.54 -3.97 7.15
CA ILE A 153 -20.07 -2.69 6.65
C ILE A 153 -21.29 -2.28 7.46
N LYS A 154 -21.29 -1.00 7.86
CA LYS A 154 -22.40 -0.43 8.62
C LYS A 154 -22.98 0.75 7.85
N PHE A 155 -24.17 1.19 8.22
CA PHE A 155 -24.86 2.28 7.53
C PHE A 155 -25.37 3.39 8.46
N MET A 156 -25.49 4.58 7.90
CA MET A 156 -25.98 5.75 8.62
C MET A 156 -26.80 6.65 7.72
N LYS A 157 -27.80 7.31 8.32
CA LYS A 157 -28.59 8.29 7.59
C LYS A 157 -27.81 9.56 7.90
N VAL A 158 -27.42 10.28 6.86
CA VAL A 158 -26.63 11.47 7.04
C VAL A 158 -27.26 12.55 7.90
N ASP A 159 -28.53 12.88 7.63
CA ASP A 159 -29.24 13.90 8.39
C ASP A 159 -29.43 13.39 9.80
N GLY A 160 -28.69 13.98 10.74
CA GLY A 160 -28.80 13.56 12.13
C GLY A 160 -27.79 12.49 12.51
N ALA A 161 -27.03 12.01 11.52
CA ALA A 161 -26.02 10.97 11.73
C ALA A 161 -26.63 9.82 12.52
N LYS A 162 -27.75 9.32 12.02
CA LYS A 162 -28.48 8.23 12.64
C LYS A 162 -27.94 6.87 12.23
N GLU A 163 -27.69 6.02 13.21
CA GLU A 163 -27.19 4.67 12.95
C GLU A 163 -28.36 3.85 12.42
N LEU A 164 -28.12 3.06 11.38
CA LEU A 164 -29.17 2.20 10.84
C LEU A 164 -28.83 0.78 11.28
N PRO A 165 -29.82 -0.11 11.28
CA PRO A 165 -29.54 -1.50 11.71
C PRO A 165 -28.82 -2.41 10.69
N ASP A 166 -28.73 -1.99 9.44
CA ASP A 166 -28.08 -2.80 8.40
C ASP A 166 -26.61 -3.10 8.70
N VAL A 167 -26.22 -4.37 8.66
CA VAL A 167 -24.85 -4.79 8.93
C VAL A 167 -24.48 -5.92 7.95
N LEU A 168 -23.38 -5.76 7.23
CA LEU A 168 -22.93 -6.79 6.28
C LEU A 168 -21.63 -7.40 6.75
N GLU A 169 -21.61 -8.73 6.79
CA GLU A 169 -20.46 -9.50 7.23
C GLU A 169 -19.82 -10.25 6.06
N ARG A 170 -18.63 -10.78 6.32
CA ARG A 170 -17.81 -11.57 5.38
C ARG A 170 -17.29 -10.74 4.21
N VAL A 171 -17.19 -9.43 4.44
CA VAL A 171 -16.71 -8.49 3.45
C VAL A 171 -15.19 -8.39 3.47
N LYS A 172 -14.58 -8.45 2.29
CA LYS A 172 -13.13 -8.34 2.19
C LYS A 172 -12.76 -7.97 0.74
N PHE A 173 -11.80 -7.06 0.54
CA PHE A 173 -11.37 -6.61 -0.79
C PHE A 173 -12.61 -6.27 -1.63
N SER A 174 -13.48 -5.48 -1.00
CA SER A 174 -14.79 -5.13 -1.54
C SER A 174 -15.02 -3.78 -2.16
N CYS A 175 -15.87 -3.77 -3.17
CA CYS A 175 -16.27 -2.53 -3.79
C CYS A 175 -17.46 -2.08 -2.93
N MET A 176 -17.88 -0.83 -3.08
CA MET A 176 -19.04 -0.30 -2.36
C MET A 176 -19.61 0.68 -3.36
N ALA A 177 -20.78 0.35 -3.92
CA ALA A 177 -21.37 1.23 -4.92
C ALA A 177 -22.89 1.27 -4.89
N TRP A 178 -23.46 2.42 -4.53
CA TRP A 178 -24.90 2.58 -4.47
C TRP A 178 -25.54 2.80 -5.85
N THR A 179 -26.70 2.21 -6.07
CA THR A 179 -27.41 2.45 -7.31
C THR A 179 -28.01 3.85 -7.14
N HIS A 180 -28.18 4.59 -8.22
CA HIS A 180 -28.69 5.97 -8.11
C HIS A 180 -30.13 6.13 -7.66
N ASP A 181 -30.88 5.03 -7.64
CA ASP A 181 -32.26 5.10 -7.17
C ASP A 181 -32.26 5.11 -5.63
N GLY A 182 -31.07 4.94 -5.04
CA GLY A 182 -30.93 4.94 -3.59
C GLY A 182 -31.54 3.75 -2.88
N LYS A 183 -31.81 2.69 -3.63
CA LYS A 183 -32.44 1.50 -3.05
C LYS A 183 -31.46 0.56 -2.34
N GLY A 184 -30.27 0.43 -2.90
CA GLY A 184 -29.32 -0.49 -2.29
C GLY A 184 -27.91 -0.23 -2.75
N MET A 185 -27.03 -1.13 -2.37
CA MET A 185 -25.61 -0.98 -2.68
C MET A 185 -24.94 -2.32 -2.98
N PHE A 186 -24.07 -2.29 -3.99
CA PHE A 186 -23.27 -3.46 -4.39
C PHE A 186 -22.06 -3.58 -3.46
N TYR A 187 -21.66 -4.81 -3.17
CA TYR A 187 -20.51 -5.07 -2.33
C TYR A 187 -20.05 -6.51 -2.59
N ASN A 188 -18.86 -6.87 -2.10
CA ASN A 188 -18.31 -8.22 -2.29
C ASN A 188 -18.25 -8.92 -0.98
N ALA A 189 -18.44 -10.23 -1.00
CA ALA A 189 -18.36 -11.02 0.21
C ALA A 189 -17.86 -12.41 -0.15
N TYR A 190 -17.25 -13.07 0.82
CA TYR A 190 -16.71 -14.42 0.61
C TYR A 190 -17.62 -15.44 1.26
N PRO A 191 -17.57 -16.69 0.77
CA PRO A 191 -18.40 -17.76 1.33
C PRO A 191 -17.92 -18.17 2.71
N GLN A 192 -18.80 -18.81 3.48
CA GLN A 192 -18.43 -19.27 4.81
C GLN A 192 -17.28 -20.26 4.70
N GLN A 193 -16.38 -20.21 5.68
CA GLN A 193 -15.23 -21.11 5.73
C GLN A 193 -15.06 -21.58 7.16
N ASP A 194 -14.48 -22.76 7.33
CA ASP A 194 -14.26 -23.32 8.66
C ASP A 194 -13.13 -22.55 9.32
N GLY A 195 -13.14 -22.49 10.64
CA GLY A 195 -12.11 -21.77 11.37
C GLY A 195 -12.51 -20.33 11.61
N LYS A 196 -11.51 -19.52 11.92
CA LYS A 196 -11.71 -18.10 12.20
C LYS A 196 -11.58 -17.25 10.96
N SER A 197 -12.13 -16.05 11.06
CA SER A 197 -12.12 -15.06 10.00
C SER A 197 -11.97 -13.70 10.70
N ASP A 198 -10.92 -13.58 11.50
CA ASP A 198 -10.66 -12.38 12.25
C ASP A 198 -9.28 -11.78 11.95
N GLY A 199 -8.56 -12.42 11.04
CA GLY A 199 -7.24 -11.94 10.69
C GLY A 199 -6.12 -12.79 11.26
N THR A 200 -6.46 -13.77 12.10
CA THR A 200 -5.42 -14.63 12.68
C THR A 200 -5.28 -15.95 11.94
N GLU A 201 -6.19 -16.21 11.01
CA GLU A 201 -6.18 -17.45 10.23
C GLU A 201 -5.32 -17.28 8.99
N THR A 202 -4.95 -18.39 8.37
CA THR A 202 -4.11 -18.36 7.16
C THR A 202 -4.88 -18.85 5.93
N SER A 203 -6.13 -19.25 6.13
CA SER A 203 -6.99 -19.77 5.08
C SER A 203 -7.02 -18.92 3.80
N THR A 204 -6.88 -19.58 2.66
CA THR A 204 -6.89 -18.89 1.36
C THR A 204 -8.27 -18.30 1.07
N ASN A 205 -8.29 -17.16 0.37
CA ASN A 205 -9.54 -16.47 0.04
C ASN A 205 -9.89 -16.72 -1.42
N LEU A 206 -10.95 -17.48 -1.65
CA LEU A 206 -11.42 -17.84 -2.99
C LEU A 206 -12.93 -17.67 -3.11
N HIS A 207 -13.38 -17.64 -4.36
CA HIS A 207 -14.80 -17.54 -4.66
C HIS A 207 -15.52 -16.28 -4.21
N GLN A 208 -14.85 -15.15 -4.34
CA GLN A 208 -15.45 -13.88 -3.96
C GLN A 208 -16.63 -13.62 -4.89
N LYS A 209 -17.76 -13.18 -4.35
CA LYS A 209 -18.94 -12.91 -5.18
C LYS A 209 -19.41 -11.46 -5.02
N LEU A 210 -20.22 -11.01 -5.98
CA LEU A 210 -20.77 -9.67 -5.99
C LEU A 210 -22.23 -9.75 -5.58
N TYR A 211 -22.59 -9.02 -4.52
CA TYR A 211 -23.97 -8.99 -4.05
C TYR A 211 -24.55 -7.59 -4.08
N TYR A 212 -25.87 -7.54 -3.94
CA TYR A 212 -26.60 -6.28 -3.89
C TYR A 212 -27.43 -6.29 -2.63
N HIS A 213 -27.21 -5.32 -1.76
CA HIS A 213 -27.95 -5.20 -0.52
C HIS A 213 -28.98 -4.09 -0.59
N VAL A 214 -30.24 -4.44 -0.35
CA VAL A 214 -31.32 -3.45 -0.35
C VAL A 214 -31.37 -2.84 1.06
N LEU A 215 -31.28 -1.53 1.16
CA LEU A 215 -31.30 -0.87 2.47
C LEU A 215 -32.61 -1.22 3.18
N GLY A 216 -32.51 -1.58 4.46
CA GLY A 216 -33.70 -1.92 5.23
C GLY A 216 -34.03 -3.40 5.30
N THR A 217 -33.12 -4.24 4.80
CA THR A 217 -33.32 -5.69 4.82
C THR A 217 -32.15 -6.38 5.53
N ASP A 218 -32.30 -7.67 5.80
CA ASP A 218 -31.24 -8.45 6.43
C ASP A 218 -30.30 -8.93 5.31
N GLN A 219 -29.03 -9.10 5.63
CA GLN A 219 -28.07 -9.56 4.65
C GLN A 219 -28.46 -10.89 3.96
N SER A 220 -29.21 -11.73 4.67
CA SER A 220 -29.63 -13.01 4.11
C SER A 220 -30.47 -12.85 2.83
N GLU A 221 -31.09 -11.69 2.67
CA GLU A 221 -31.94 -11.43 1.51
C GLU A 221 -31.17 -10.84 0.32
N ASP A 222 -29.87 -10.60 0.49
CA ASP A 222 -29.10 -9.98 -0.58
C ASP A 222 -29.08 -10.77 -1.87
N ILE A 223 -29.10 -10.02 -2.97
CA ILE A 223 -29.14 -10.59 -4.30
C ILE A 223 -27.73 -10.88 -4.82
N LEU A 224 -27.56 -12.07 -5.39
CA LEU A 224 -26.26 -12.47 -5.99
C LEU A 224 -26.33 -11.93 -7.41
N CYS A 225 -25.42 -11.01 -7.77
CA CYS A 225 -25.42 -10.42 -9.11
C CYS A 225 -24.35 -10.95 -10.04
N ALA A 226 -23.26 -11.46 -9.47
CA ALA A 226 -22.19 -12.04 -10.27
C ALA A 226 -21.35 -12.98 -9.43
N GLU A 227 -20.96 -14.09 -10.05
CA GLU A 227 -20.10 -15.09 -9.41
C GLU A 227 -19.35 -15.83 -10.51
N PHE A 228 -18.20 -16.40 -10.14
CA PHE A 228 -17.36 -17.11 -11.10
C PHE A 228 -16.93 -18.46 -10.51
N PRO A 229 -17.84 -19.44 -10.50
CA PRO A 229 -17.65 -20.80 -9.97
C PRO A 229 -16.49 -21.58 -10.58
N ASP A 230 -16.16 -21.30 -11.83
CA ASP A 230 -15.09 -22.01 -12.53
C ASP A 230 -13.76 -21.25 -12.49
N GLU A 231 -13.77 -20.07 -11.86
CA GLU A 231 -12.58 -19.23 -11.76
C GLU A 231 -12.52 -18.72 -10.33
N PRO A 232 -12.13 -19.59 -9.39
CA PRO A 232 -12.03 -19.28 -7.95
C PRO A 232 -11.26 -18.02 -7.57
N LYS A 233 -10.30 -17.66 -8.41
CA LYS A 233 -9.48 -16.50 -8.12
C LYS A 233 -9.97 -15.14 -8.63
N TRP A 234 -10.96 -15.16 -9.53
CA TRP A 234 -11.47 -13.91 -10.08
C TRP A 234 -12.18 -13.09 -9.00
N MET A 235 -12.10 -11.77 -9.12
CA MET A 235 -12.72 -10.85 -8.17
C MET A 235 -13.34 -9.76 -9.00
N GLY A 236 -14.66 -9.61 -8.91
CA GLY A 236 -15.34 -8.59 -9.69
C GLY A 236 -15.91 -7.44 -8.88
N GLY A 237 -15.40 -6.24 -9.12
CA GLY A 237 -15.86 -5.05 -8.43
C GLY A 237 -16.80 -4.23 -9.30
N ALA A 238 -17.88 -3.77 -8.71
CA ALA A 238 -18.89 -2.98 -9.40
C ALA A 238 -18.79 -1.49 -9.16
N GLU A 239 -19.18 -0.72 -10.15
CA GLU A 239 -19.24 0.73 -10.00
C GLU A 239 -20.36 1.20 -10.90
N LEU A 240 -20.99 2.30 -10.54
CA LEU A 240 -22.07 2.84 -11.36
C LEU A 240 -21.50 3.95 -12.24
N SER A 241 -22.02 4.05 -13.46
CA SER A 241 -21.59 5.13 -14.34
C SER A 241 -22.13 6.44 -13.75
N ASP A 242 -21.52 7.57 -14.13
CA ASP A 242 -21.92 8.87 -13.58
C ASP A 242 -23.41 9.22 -13.74
N ASP A 243 -24.02 8.74 -14.81
CA ASP A 243 -25.44 8.99 -15.05
C ASP A 243 -26.33 7.91 -14.39
N GLY A 244 -25.69 6.95 -13.71
CA GLY A 244 -26.37 5.89 -13.02
C GLY A 244 -27.08 4.84 -13.87
N ARG A 245 -26.89 4.93 -15.19
CA ARG A 245 -27.54 3.99 -16.09
C ARG A 245 -26.89 2.63 -16.23
N TYR A 246 -25.59 2.58 -16.02
CA TYR A 246 -24.86 1.34 -16.18
C TYR A 246 -24.09 0.88 -14.97
N VAL A 247 -24.03 -0.44 -14.79
CA VAL A 247 -23.21 -1.02 -13.74
C VAL A 247 -21.99 -1.56 -14.48
N LEU A 248 -20.79 -1.11 -14.12
CA LEU A 248 -19.59 -1.60 -14.78
C LEU A 248 -18.91 -2.58 -13.84
N LEU A 249 -18.59 -3.76 -14.36
CA LEU A 249 -17.93 -4.79 -13.57
C LEU A 249 -16.50 -4.94 -14.01
N SER A 250 -15.55 -4.69 -13.11
CA SER A 250 -14.14 -4.85 -13.43
C SER A 250 -13.70 -6.14 -12.78
N ILE A 251 -13.31 -7.10 -13.60
CA ILE A 251 -12.91 -8.39 -13.05
C ILE A 251 -11.40 -8.51 -13.09
N ARG A 252 -10.82 -8.89 -11.95
CA ARG A 252 -9.38 -9.04 -11.86
C ARG A 252 -8.98 -10.44 -11.39
N GLU A 253 -7.79 -10.86 -11.78
CA GLU A 253 -7.25 -12.13 -11.36
C GLU A 253 -5.79 -11.88 -11.17
N GLY A 254 -5.39 -11.66 -9.93
CA GLY A 254 -3.99 -11.35 -9.65
C GLY A 254 -3.82 -9.86 -9.50
N CYS A 255 -2.56 -9.42 -9.43
CA CYS A 255 -2.24 -8.01 -9.25
C CYS A 255 -1.76 -7.22 -10.47
N ASP A 256 -1.78 -7.82 -11.66
CA ASP A 256 -1.36 -7.10 -12.86
C ASP A 256 -2.39 -6.02 -13.15
N PRO A 257 -1.93 -4.91 -13.73
CA PRO A 257 -2.80 -3.79 -14.08
C PRO A 257 -3.59 -4.17 -15.33
N VAL A 258 -4.51 -5.11 -15.17
CA VAL A 258 -5.35 -5.56 -16.28
C VAL A 258 -6.68 -6.00 -15.69
N ASN A 259 -7.73 -5.93 -16.48
CA ASN A 259 -9.04 -6.35 -16.01
C ASN A 259 -10.02 -6.57 -17.15
N ARG A 260 -10.94 -7.50 -16.94
CA ARG A 260 -12.02 -7.70 -17.90
C ARG A 260 -13.01 -6.58 -17.54
N LEU A 261 -13.87 -6.22 -18.48
CA LEU A 261 -14.84 -5.18 -18.20
C LEU A 261 -16.15 -5.56 -18.85
N TRP A 262 -17.14 -5.82 -18.02
CA TRP A 262 -18.49 -6.16 -18.47
C TRP A 262 -19.41 -5.04 -18.01
N TYR A 263 -20.57 -4.90 -18.63
CA TYR A 263 -21.50 -3.87 -18.18
C TYR A 263 -22.94 -4.33 -18.21
N CYS A 264 -23.76 -3.64 -17.44
CA CYS A 264 -25.18 -3.94 -17.40
C CYS A 264 -25.97 -2.66 -17.50
N ASP A 265 -26.77 -2.53 -18.55
CA ASP A 265 -27.61 -1.35 -18.72
C ASP A 265 -28.79 -1.62 -17.77
N LEU A 266 -28.85 -0.91 -16.65
CA LEU A 266 -29.93 -1.15 -15.69
C LEU A 266 -31.33 -1.00 -16.23
N GLN A 267 -31.48 -0.15 -17.24
CA GLN A 267 -32.79 0.09 -17.87
C GLN A 267 -33.26 -1.15 -18.61
N GLN A 268 -32.34 -2.04 -18.95
CA GLN A 268 -32.71 -3.24 -19.68
C GLN A 268 -33.02 -4.44 -18.78
N GLU A 269 -33.00 -4.26 -17.47
CA GLU A 269 -33.33 -5.37 -16.57
C GLU A 269 -34.85 -5.56 -16.59
N SER A 270 -35.28 -6.81 -16.77
CA SER A 270 -36.70 -7.16 -16.84
C SER A 270 -37.57 -6.61 -15.69
N ASN A 271 -36.99 -6.51 -14.50
CA ASN A 271 -37.70 -6.01 -13.33
C ASN A 271 -36.71 -5.70 -12.19
N GLY A 272 -35.83 -4.74 -12.41
CA GLY A 272 -34.85 -4.38 -11.40
C GLY A 272 -33.81 -5.45 -11.15
N ILE A 273 -33.03 -5.27 -10.08
CA ILE A 273 -31.99 -6.21 -9.70
C ILE A 273 -32.61 -7.36 -8.89
N THR A 274 -32.83 -8.49 -9.56
CA THR A 274 -33.44 -9.66 -8.94
C THR A 274 -32.56 -10.91 -8.91
N GLY A 275 -31.43 -10.86 -9.62
CA GLY A 275 -30.52 -12.00 -9.66
C GLY A 275 -29.35 -11.65 -10.54
N ILE A 276 -28.74 -12.65 -11.17
CA ILE A 276 -27.59 -12.44 -12.05
C ILE A 276 -28.01 -11.43 -13.11
N LEU A 277 -27.22 -10.36 -13.27
CA LEU A 277 -27.59 -9.34 -14.25
C LEU A 277 -27.31 -9.75 -15.70
N LYS A 278 -27.92 -9.02 -16.63
CA LYS A 278 -27.72 -9.29 -18.05
C LYS A 278 -26.41 -8.65 -18.46
N TRP A 279 -25.30 -9.26 -18.04
CA TRP A 279 -23.98 -8.71 -18.33
C TRP A 279 -23.63 -8.81 -19.81
N VAL A 280 -23.08 -7.72 -20.34
CA VAL A 280 -22.59 -7.62 -21.72
C VAL A 280 -21.05 -7.61 -21.55
N LYS A 281 -20.40 -8.62 -22.12
CA LYS A 281 -18.96 -8.77 -21.98
C LYS A 281 -18.15 -7.97 -22.98
N LEU A 282 -18.04 -6.68 -22.71
CA LEU A 282 -17.34 -5.73 -23.58
C LEU A 282 -15.88 -6.10 -23.82
N ILE A 283 -15.13 -6.29 -22.73
CA ILE A 283 -13.71 -6.64 -22.77
C ILE A 283 -13.70 -7.92 -21.96
N ASP A 284 -13.53 -9.05 -22.65
CA ASP A 284 -13.59 -10.34 -22.01
C ASP A 284 -12.28 -11.12 -22.02
N ASN A 285 -11.22 -10.44 -21.62
CA ASN A 285 -9.89 -11.01 -21.53
C ASN A 285 -9.09 -10.16 -20.53
N PHE A 286 -7.89 -10.62 -20.20
CA PHE A 286 -7.02 -9.92 -19.26
C PHE A 286 -5.81 -9.30 -19.95
N GLU A 287 -6.02 -8.73 -21.14
CA GLU A 287 -4.92 -8.13 -21.88
C GLU A 287 -4.59 -6.68 -21.58
N GLY A 288 -5.49 -5.96 -20.93
CA GLY A 288 -5.19 -4.57 -20.65
C GLY A 288 -6.06 -4.02 -19.54
N GLU A 289 -5.68 -2.86 -19.00
CA GLU A 289 -6.45 -2.20 -17.94
C GLU A 289 -7.47 -1.25 -18.59
N TYR A 290 -8.66 -1.17 -18.00
CA TYR A 290 -9.72 -0.27 -18.46
C TYR A 290 -10.34 0.30 -17.21
N ASP A 291 -9.92 1.52 -16.89
CA ASP A 291 -10.37 2.27 -15.70
C ASP A 291 -11.37 3.34 -16.13
N TYR A 292 -12.63 3.16 -15.74
CA TYR A 292 -13.67 4.09 -16.10
C TYR A 292 -13.42 5.50 -15.64
N VAL A 293 -13.58 6.45 -16.54
CA VAL A 293 -13.43 7.87 -16.20
C VAL A 293 -14.78 8.58 -16.21
N THR A 294 -15.55 8.41 -17.28
CA THR A 294 -16.87 9.02 -17.38
C THR A 294 -17.46 8.54 -18.68
N ASN A 295 -18.71 8.90 -18.93
CA ASN A 295 -19.37 8.55 -20.18
C ASN A 295 -20.36 9.64 -20.53
N GLU A 296 -20.65 9.77 -21.81
CA GLU A 296 -21.63 10.75 -22.29
C GLU A 296 -22.48 9.83 -23.15
N GLY A 297 -23.64 9.45 -22.65
CA GLY A 297 -24.45 8.53 -23.42
C GLY A 297 -23.72 7.19 -23.48
N THR A 298 -23.61 6.62 -24.67
CA THR A 298 -22.93 5.34 -24.85
C THR A 298 -21.43 5.45 -25.08
N VAL A 299 -20.90 6.68 -25.10
CA VAL A 299 -19.46 6.84 -25.33
C VAL A 299 -18.76 6.91 -23.99
N PHE A 300 -17.99 5.86 -23.68
CA PHE A 300 -17.29 5.75 -22.42
C PHE A 300 -15.81 6.05 -22.52
N THR A 301 -15.32 6.88 -21.60
CA THR A 301 -13.92 7.26 -21.57
C THR A 301 -13.24 6.39 -20.52
N PHE A 302 -12.14 5.75 -20.91
CA PHE A 302 -11.36 4.88 -20.04
C PHE A 302 -9.88 5.22 -20.08
N LYS A 303 -9.23 5.01 -18.95
CA LYS A 303 -7.78 5.16 -18.86
C LYS A 303 -7.33 3.71 -19.12
N THR A 304 -6.36 3.53 -20.02
CA THR A 304 -5.92 2.18 -20.37
C THR A 304 -4.42 2.10 -20.60
N ASN A 305 -3.89 0.89 -20.57
CA ASN A 305 -2.48 0.67 -20.88
C ASN A 305 -2.41 -0.25 -22.10
N ARG A 306 -3.56 -0.48 -22.72
CA ARG A 306 -3.66 -1.33 -23.91
C ARG A 306 -2.84 -0.64 -25.01
N HIS A 307 -1.74 -1.28 -25.43
CA HIS A 307 -0.83 -0.75 -26.45
C HIS A 307 -0.19 0.56 -25.98
N SER A 308 -0.22 0.80 -24.67
CA SER A 308 0.29 2.03 -24.09
C SER A 308 0.85 1.86 -22.69
N PRO A 309 2.13 1.47 -22.59
CA PRO A 309 2.78 1.26 -21.30
C PRO A 309 2.77 2.45 -20.31
N ASN A 310 2.66 3.68 -20.81
CA ASN A 310 2.64 4.86 -19.94
C ASN A 310 1.23 5.34 -19.75
N TYR A 311 0.27 4.56 -20.23
CA TYR A 311 -1.17 4.86 -20.14
C TYR A 311 -1.65 6.02 -21.03
N ARG A 312 -2.92 5.91 -21.40
CA ARG A 312 -3.60 6.89 -22.24
C ARG A 312 -5.09 6.88 -22.01
N LEU A 313 -5.80 7.84 -22.61
CA LEU A 313 -7.26 7.91 -22.49
C LEU A 313 -7.87 7.57 -23.83
N ILE A 314 -8.85 6.66 -23.81
CA ILE A 314 -9.56 6.24 -25.02
C ILE A 314 -11.05 6.33 -24.82
N ASN A 315 -11.80 6.47 -25.92
CA ASN A 315 -13.26 6.49 -25.87
C ASN A 315 -13.78 5.24 -26.59
N ILE A 316 -14.59 4.45 -25.91
CA ILE A 316 -15.19 3.24 -26.49
C ILE A 316 -16.70 3.50 -26.54
N ASP A 317 -17.28 3.42 -27.73
CA ASP A 317 -18.71 3.63 -27.88
C ASP A 317 -19.32 2.24 -27.79
N PHE A 318 -20.16 2.02 -26.78
CA PHE A 318 -20.80 0.71 -26.59
C PHE A 318 -21.59 0.24 -27.80
N THR A 319 -22.03 1.17 -28.66
CA THR A 319 -22.77 0.80 -29.86
C THR A 319 -21.89 0.46 -31.07
N ASP A 320 -20.58 0.62 -30.93
CA ASP A 320 -19.62 0.32 -31.99
C ASP A 320 -18.35 -0.01 -31.20
N PRO A 321 -18.39 -1.11 -30.44
CA PRO A 321 -17.34 -1.64 -29.55
C PRO A 321 -16.01 -2.23 -30.02
N GLU A 322 -15.87 -2.59 -31.29
CA GLU A 322 -14.60 -3.19 -31.73
C GLU A 322 -13.42 -2.26 -31.56
N GLU A 323 -12.29 -2.83 -31.17
CA GLU A 323 -11.07 -2.06 -30.94
C GLU A 323 -10.66 -1.14 -32.08
N SER A 324 -10.85 -1.61 -33.31
CA SER A 324 -10.49 -0.83 -34.49
C SER A 324 -11.28 0.48 -34.55
N LYS A 325 -12.36 0.55 -33.78
CA LYS A 325 -13.21 1.74 -33.74
C LYS A 325 -12.98 2.68 -32.56
N TRP A 326 -12.21 2.27 -31.57
CA TRP A 326 -11.99 3.14 -30.42
C TRP A 326 -11.27 4.42 -30.85
N LYS A 327 -11.54 5.50 -30.14
CA LYS A 327 -10.93 6.78 -30.41
C LYS A 327 -9.95 7.12 -29.30
N VAL A 328 -8.78 7.62 -29.66
CA VAL A 328 -7.82 8.02 -28.65
C VAL A 328 -8.11 9.46 -28.28
N LEU A 329 -8.45 9.69 -27.03
CA LEU A 329 -8.78 11.03 -26.57
C LEU A 329 -7.54 11.79 -26.16
N VAL A 330 -6.71 11.16 -25.32
CA VAL A 330 -5.44 11.78 -24.90
C VAL A 330 -4.38 10.71 -25.12
N PRO A 331 -3.53 10.89 -26.15
CA PRO A 331 -2.48 9.91 -26.44
C PRO A 331 -1.45 9.72 -25.34
N GLU A 332 -0.78 8.58 -25.41
CA GLU A 332 0.25 8.21 -24.46
C GLU A 332 1.45 9.16 -24.59
N HIS A 333 2.04 9.53 -23.46
CA HIS A 333 3.20 10.39 -23.46
C HIS A 333 4.40 9.46 -23.60
N GLU A 334 5.45 9.92 -24.27
CA GLU A 334 6.65 9.11 -24.50
C GLU A 334 7.36 8.67 -23.22
N LYS A 335 7.25 9.46 -22.16
CA LYS A 335 7.92 9.09 -20.90
C LYS A 335 7.08 9.22 -19.63
N ASP A 336 6.24 10.26 -19.55
CA ASP A 336 5.39 10.48 -18.37
C ASP A 336 4.22 9.52 -18.27
N VAL A 337 4.05 8.97 -17.07
CA VAL A 337 2.97 8.01 -16.80
C VAL A 337 1.70 8.73 -16.35
N LEU A 338 0.59 8.40 -16.97
CA LEU A 338 -0.69 8.97 -16.59
C LEU A 338 -1.14 8.09 -15.42
N GLU A 339 -1.08 8.65 -14.22
CA GLU A 339 -1.41 7.94 -13.00
C GLU A 339 -2.89 7.75 -12.76
N TRP A 340 -3.63 8.85 -12.85
CA TRP A 340 -5.06 8.81 -12.63
C TRP A 340 -5.73 9.98 -13.32
N VAL A 341 -7.03 9.85 -13.53
CA VAL A 341 -7.80 10.88 -14.21
C VAL A 341 -9.17 10.96 -13.55
N ALA A 342 -9.69 12.18 -13.45
CA ALA A 342 -11.01 12.37 -12.86
C ALA A 342 -11.81 13.28 -13.77
N CYS A 343 -13.13 13.16 -13.76
CA CYS A 343 -13.97 14.05 -14.57
C CYS A 343 -14.67 14.97 -13.58
N VAL A 344 -14.68 16.27 -13.86
CA VAL A 344 -15.30 17.26 -12.95
C VAL A 344 -15.99 18.37 -13.76
N ARG A 345 -16.99 19.02 -13.16
CA ARG A 345 -17.74 20.09 -13.82
C ARG A 345 -18.24 19.72 -15.23
N SER A 346 -18.79 18.52 -15.32
CA SER A 346 -19.38 17.99 -16.54
C SER A 346 -18.44 17.68 -17.69
N ASN A 347 -17.65 18.66 -18.10
CA ASN A 347 -16.79 18.45 -19.27
C ASN A 347 -15.31 18.71 -19.11
N PHE A 348 -14.82 18.65 -17.88
CA PHE A 348 -13.39 18.84 -17.63
C PHE A 348 -12.81 17.52 -17.18
N LEU A 349 -11.54 17.30 -17.48
CA LEU A 349 -10.84 16.11 -17.03
C LEU A 349 -9.62 16.59 -16.29
N VAL A 350 -9.36 16.01 -15.13
CA VAL A 350 -8.19 16.35 -14.34
C VAL A 350 -7.26 15.16 -14.53
N LEU A 351 -6.08 15.43 -15.09
CA LEU A 351 -5.09 14.39 -15.36
C LEU A 351 -3.90 14.58 -14.43
N CYS A 352 -3.44 13.49 -13.84
CA CYS A 352 -2.28 13.53 -12.95
C CYS A 352 -1.22 12.67 -13.60
N TYR A 353 -0.06 13.28 -13.85
CA TYR A 353 1.07 12.57 -14.47
C TYR A 353 2.20 12.41 -13.49
N LEU A 354 3.02 11.39 -13.72
CA LEU A 354 4.21 11.17 -12.93
C LEU A 354 5.39 11.44 -13.88
N HIS A 355 6.12 12.54 -13.61
CA HIS A 355 7.28 12.93 -14.40
C HIS A 355 8.54 12.78 -13.55
N ASP A 356 9.35 11.77 -13.86
CA ASP A 356 10.57 11.50 -13.10
C ASP A 356 10.30 11.42 -11.60
N VAL A 357 9.24 10.68 -11.31
CA VAL A 357 8.81 10.41 -9.96
C VAL A 357 8.27 11.61 -9.16
N LYS A 358 7.79 12.63 -9.87
CA LYS A 358 7.18 13.80 -9.25
C LYS A 358 5.85 14.02 -9.96
N ASN A 359 4.81 14.42 -9.23
CA ASN A 359 3.49 14.63 -9.84
C ASN A 359 3.25 15.98 -10.49
N THR A 360 2.43 15.96 -11.54
CA THR A 360 2.01 17.16 -12.24
C THR A 360 0.51 16.99 -12.37
N LEU A 361 -0.23 18.09 -12.38
CA LEU A 361 -1.68 18.05 -12.47
C LEU A 361 -2.11 19.03 -13.54
N GLN A 362 -3.05 18.62 -14.37
CA GLN A 362 -3.53 19.48 -15.43
C GLN A 362 -4.99 19.24 -15.76
N LEU A 363 -5.60 20.26 -16.35
CA LEU A 363 -7.00 20.21 -16.71
C LEU A 363 -7.12 20.12 -18.23
N HIS A 364 -7.96 19.19 -18.68
CA HIS A 364 -8.20 18.97 -20.10
C HIS A 364 -9.68 19.03 -20.44
N ASP A 365 -9.98 19.31 -21.70
CA ASP A 365 -11.35 19.36 -22.18
C ASP A 365 -11.79 17.93 -22.51
N LEU A 366 -12.92 17.50 -21.97
CA LEU A 366 -13.41 16.15 -22.24
C LEU A 366 -13.71 15.89 -23.72
N ALA A 367 -14.21 16.88 -24.45
CA ALA A 367 -14.59 16.68 -25.84
C ALA A 367 -13.43 16.44 -26.78
N THR A 368 -12.34 17.16 -26.58
CA THR A 368 -11.19 17.06 -27.48
C THR A 368 -9.94 16.47 -26.87
N GLY A 369 -9.85 16.50 -25.54
CA GLY A 369 -8.67 16.04 -24.86
C GLY A 369 -7.61 17.14 -24.80
N ALA A 370 -7.95 18.35 -25.26
CA ALA A 370 -7.00 19.46 -25.28
C ALA A 370 -6.63 19.94 -23.88
N LEU A 371 -5.35 20.31 -23.72
CA LEU A 371 -4.84 20.84 -22.45
C LEU A 371 -5.40 22.23 -22.29
N LEU A 372 -5.98 22.49 -21.12
CA LEU A 372 -6.57 23.78 -20.80
C LEU A 372 -5.84 24.56 -19.72
N LYS A 373 -5.35 23.85 -18.71
CA LYS A 373 -4.71 24.51 -17.58
C LYS A 373 -3.72 23.61 -16.85
N ILE A 374 -2.57 24.17 -16.50
CA ILE A 374 -1.56 23.44 -15.74
C ILE A 374 -1.62 23.99 -14.32
N PHE A 375 -1.84 23.12 -13.34
CA PHE A 375 -1.91 23.59 -11.96
C PHE A 375 -0.50 23.55 -11.39
N PRO A 376 0.06 24.71 -11.00
CA PRO A 376 1.42 24.78 -10.46
C PRO A 376 1.65 23.99 -9.16
N LEU A 377 2.71 23.17 -9.17
CA LEU A 377 3.06 22.37 -8.00
C LEU A 377 4.58 22.34 -7.79
N GLU A 378 5.00 22.26 -6.54
CA GLU A 378 6.43 22.16 -6.24
C GLU A 378 6.76 20.68 -6.46
N VAL A 379 7.99 20.30 -6.18
CA VAL A 379 8.41 18.90 -6.35
C VAL A 379 7.79 18.05 -5.24
N GLY A 380 6.97 17.09 -5.63
CA GLY A 380 6.33 16.27 -4.63
C GLY A 380 5.27 15.37 -5.22
N SER A 381 4.29 15.05 -4.41
CA SER A 381 3.23 14.18 -4.84
C SER A 381 1.85 14.72 -4.51
N VAL A 382 0.87 14.31 -5.31
CA VAL A 382 -0.53 14.66 -5.08
C VAL A 382 -1.08 13.44 -4.33
N VAL A 383 -1.50 13.63 -3.10
CA VAL A 383 -1.97 12.52 -2.30
C VAL A 383 -3.46 12.57 -1.94
N GLY A 384 -4.16 13.57 -2.45
CA GLY A 384 -5.58 13.70 -2.17
C GLY A 384 -6.21 14.55 -3.26
N TYR A 385 -7.45 14.24 -3.57
CA TYR A 385 -8.19 14.94 -4.61
C TYR A 385 -9.68 14.77 -4.40
N SER A 386 -10.46 15.80 -4.71
CA SER A 386 -11.90 15.68 -4.63
C SER A 386 -12.51 16.50 -5.79
N GLY A 387 -13.51 15.92 -6.42
CA GLY A 387 -14.16 16.60 -7.53
C GLY A 387 -14.82 15.65 -8.53
N GLN A 388 -16.11 15.43 -8.39
CA GLN A 388 -16.95 14.54 -9.19
C GLN A 388 -17.47 15.29 -10.41
N LYS A 389 -17.98 14.51 -11.35
CA LYS A 389 -18.59 15.16 -12.54
C LYS A 389 -19.67 16.18 -12.22
N LYS A 390 -20.52 16.00 -11.20
CA LYS A 390 -21.49 17.04 -10.93
C LYS A 390 -20.94 18.24 -10.12
N ASP A 391 -19.73 18.06 -9.60
CA ASP A 391 -19.08 19.11 -8.79
C ASP A 391 -18.56 20.25 -9.68
N THR A 392 -18.46 21.45 -9.10
CA THR A 392 -17.99 22.61 -9.84
C THR A 392 -16.71 23.20 -9.26
N GLU A 393 -16.00 22.42 -8.46
CA GLU A 393 -14.77 22.89 -7.84
C GLU A 393 -13.96 21.65 -7.48
N ILE A 394 -12.65 21.83 -7.36
CA ILE A 394 -11.78 20.71 -6.99
C ILE A 394 -10.93 21.10 -5.78
N PHE A 395 -10.50 20.09 -5.05
CA PHE A 395 -9.59 20.27 -3.92
C PHE A 395 -8.51 19.23 -4.20
N TYR A 396 -7.27 19.56 -3.91
CA TYR A 396 -6.20 18.58 -4.07
C TYR A 396 -5.15 18.84 -3.03
N GLN A 397 -4.53 17.76 -2.56
CA GLN A 397 -3.52 17.87 -1.51
C GLN A 397 -2.17 17.45 -2.06
N PHE A 398 -1.17 18.24 -1.71
CA PHE A 398 0.19 18.02 -2.16
C PHE A 398 1.06 17.81 -0.94
N THR A 399 2.04 16.93 -1.05
CA THR A 399 2.98 16.69 0.05
C THR A 399 4.37 16.50 -0.55
N SER A 400 5.37 16.52 0.32
CA SER A 400 6.75 16.31 -0.12
C SER A 400 7.55 15.79 1.06
N PHE A 401 8.84 15.54 0.86
CA PHE A 401 9.69 15.03 1.92
C PHE A 401 9.89 15.99 3.09
N LEU A 402 9.83 17.28 2.82
CA LEU A 402 10.12 18.27 3.84
C LEU A 402 8.96 19.06 4.44
N SER A 403 7.78 18.96 3.84
CA SER A 403 6.60 19.69 4.29
C SER A 403 5.37 18.81 4.34
N PRO A 404 4.52 18.98 5.38
CA PRO A 404 3.30 18.18 5.52
C PRO A 404 2.46 18.34 4.27
N GLY A 405 2.46 19.55 3.73
CA GLY A 405 1.73 19.78 2.51
C GLY A 405 0.68 20.87 2.60
N ILE A 406 0.03 21.09 1.46
CA ILE A 406 -1.00 22.10 1.34
C ILE A 406 -2.19 21.49 0.62
N ILE A 407 -3.39 21.94 0.96
CA ILE A 407 -4.60 21.50 0.28
C ILE A 407 -4.97 22.77 -0.49
N TYR A 408 -5.10 22.64 -1.80
CA TYR A 408 -5.46 23.73 -2.68
C TYR A 408 -6.93 23.58 -3.04
N HIS A 409 -7.52 24.68 -3.52
CA HIS A 409 -8.92 24.69 -3.93
C HIS A 409 -9.05 25.50 -5.19
N CYS A 410 -9.85 25.01 -6.14
CA CYS A 410 -10.07 25.73 -7.38
C CYS A 410 -11.54 25.70 -7.79
N ASP A 411 -12.12 26.90 -7.91
CA ASP A 411 -13.53 27.06 -8.31
C ASP A 411 -13.49 27.01 -9.84
N LEU A 412 -14.08 25.97 -10.41
CA LEU A 412 -14.07 25.77 -11.85
C LEU A 412 -15.18 26.47 -12.63
N THR A 413 -15.93 27.34 -11.97
CA THR A 413 -17.00 28.09 -12.64
C THR A 413 -16.46 29.43 -13.10
N LYS A 414 -15.25 29.75 -12.63
CA LYS A 414 -14.61 31.01 -12.99
C LYS A 414 -13.96 30.91 -14.35
N GLU A 415 -14.11 31.95 -15.16
CA GLU A 415 -13.51 31.96 -16.49
C GLU A 415 -11.99 31.78 -16.41
N GLU A 416 -11.36 32.48 -15.48
CA GLU A 416 -9.91 32.37 -15.27
C GLU A 416 -9.72 31.59 -13.98
N LEU A 417 -9.36 30.32 -14.10
CA LEU A 417 -9.16 29.46 -12.94
C LEU A 417 -7.98 29.95 -12.10
N GLU A 418 -8.24 30.18 -10.82
CA GLU A 418 -7.20 30.65 -9.91
C GLU A 418 -7.13 29.77 -8.69
N PRO A 419 -6.28 28.72 -8.73
CA PRO A 419 -6.16 27.84 -7.56
C PRO A 419 -5.61 28.63 -6.39
N ARG A 420 -6.12 28.35 -5.21
CA ARG A 420 -5.66 29.06 -4.02
C ARG A 420 -5.42 28.09 -2.89
N VAL A 421 -4.58 28.50 -1.95
CA VAL A 421 -4.28 27.68 -0.79
C VAL A 421 -5.54 27.67 0.08
N PHE A 422 -5.98 26.46 0.42
CA PHE A 422 -7.16 26.28 1.24
C PHE A 422 -6.75 25.98 2.66
N ARG A 423 -5.73 25.14 2.81
CA ARG A 423 -5.24 24.73 4.13
C ARG A 423 -3.74 24.42 4.05
N GLU A 424 -2.98 24.88 5.03
CA GLU A 424 -1.55 24.62 5.07
C GLU A 424 -1.14 24.58 6.53
N VAL A 425 -0.40 23.53 6.89
CA VAL A 425 0.07 23.36 8.25
C VAL A 425 1.59 23.26 8.23
N THR A 426 2.22 23.83 9.24
CA THR A 426 3.67 23.79 9.35
C THR A 426 4.06 23.09 10.65
N VAL A 427 5.14 22.32 10.60
CA VAL A 427 5.59 21.59 11.78
C VAL A 427 6.67 22.39 12.52
N LYS A 428 6.30 22.95 13.66
CA LYS A 428 7.23 23.72 14.48
C LYS A 428 8.25 22.73 15.05
N GLY A 429 9.53 23.03 14.86
CA GLY A 429 10.57 22.16 15.34
C GLY A 429 11.41 21.65 14.20
N ILE A 430 10.83 21.60 13.00
CA ILE A 430 11.53 21.15 11.82
C ILE A 430 11.59 22.28 10.80
N ASP A 431 12.79 22.80 10.55
CA ASP A 431 12.96 23.88 9.58
C ASP A 431 13.34 23.26 8.23
N ALA A 432 12.36 23.11 7.36
CA ALA A 432 12.57 22.52 6.04
C ALA A 432 13.73 23.16 5.26
N SER A 433 13.95 24.45 5.50
CA SER A 433 15.01 25.20 4.84
C SER A 433 16.42 24.69 5.16
N ASP A 434 16.55 23.97 6.27
CA ASP A 434 17.85 23.42 6.67
C ASP A 434 18.19 22.10 5.99
N TYR A 435 17.26 21.55 5.24
CA TYR A 435 17.49 20.27 4.55
C TYR A 435 17.27 20.43 3.06
N GLN A 436 17.72 19.45 2.30
CA GLN A 436 17.55 19.47 0.85
C GLN A 436 17.28 18.07 0.35
N THR A 437 16.58 18.02 -0.78
CA THR A 437 16.23 16.80 -1.46
C THR A 437 16.82 16.90 -2.84
N VAL A 438 17.53 15.86 -3.25
CA VAL A 438 18.10 15.84 -4.58
C VAL A 438 17.66 14.53 -5.23
N GLN A 439 17.62 14.52 -6.55
CA GLN A 439 17.26 13.32 -7.29
C GLN A 439 18.41 13.01 -8.21
N ILE A 440 18.97 11.81 -8.07
CA ILE A 440 20.05 11.37 -8.94
C ILE A 440 19.62 10.11 -9.69
N PHE A 441 20.38 9.74 -10.71
CA PHE A 441 20.11 8.55 -11.49
C PHE A 441 21.39 7.74 -11.50
N TYR A 442 21.35 6.54 -10.95
CA TYR A 442 22.53 5.69 -10.86
C TYR A 442 22.42 4.47 -11.75
N PRO A 443 23.54 4.04 -12.34
CA PRO A 443 23.40 2.85 -13.20
C PRO A 443 23.40 1.52 -12.41
N SER A 444 22.52 0.61 -12.81
CA SER A 444 22.43 -0.69 -12.16
C SER A 444 23.42 -1.63 -12.86
N LYS A 445 23.43 -2.89 -12.43
CA LYS A 445 24.34 -3.90 -12.98
C LYS A 445 24.29 -4.00 -14.51
N ASP A 446 23.09 -3.95 -15.08
CA ASP A 446 22.94 -4.06 -16.52
C ASP A 446 23.01 -2.71 -17.25
N GLY A 447 23.30 -1.64 -16.52
CA GLY A 447 23.38 -0.32 -17.12
C GLY A 447 22.16 0.56 -17.05
N THR A 448 21.02 0.00 -16.67
CA THR A 448 19.80 0.80 -16.58
C THR A 448 19.95 1.89 -15.51
N LYS A 449 19.58 3.12 -15.83
CA LYS A 449 19.66 4.21 -14.87
C LYS A 449 18.42 4.17 -14.00
N ILE A 450 18.63 4.17 -12.70
CA ILE A 450 17.54 4.07 -11.72
C ILE A 450 17.46 5.37 -10.92
N PRO A 451 16.25 5.92 -10.73
CA PRO A 451 16.14 7.15 -9.96
C PRO A 451 16.29 6.88 -8.46
N MET A 452 16.85 7.85 -7.74
CA MET A 452 16.94 7.79 -6.29
C MET A 452 16.84 9.17 -5.67
N PHE A 453 15.96 9.31 -4.68
CA PHE A 453 15.83 10.58 -3.95
C PHE A 453 16.73 10.48 -2.72
N ILE A 454 17.44 11.56 -2.40
CA ILE A 454 18.27 11.56 -1.20
C ILE A 454 17.94 12.86 -0.46
N VAL A 455 17.65 12.75 0.85
CA VAL A 455 17.34 13.89 1.69
C VAL A 455 18.38 13.99 2.80
N HIS A 456 18.96 15.17 2.98
CA HIS A 456 19.96 15.33 4.01
C HIS A 456 20.08 16.79 4.42
N LYS A 457 20.86 17.04 5.47
CA LYS A 457 21.10 18.39 5.96
C LYS A 457 22.02 19.09 4.98
N LYS A 458 21.74 20.35 4.69
CA LYS A 458 22.54 21.15 3.76
C LYS A 458 23.97 21.33 4.27
N GLY A 459 24.94 21.17 3.37
CA GLY A 459 26.33 21.37 3.72
C GLY A 459 27.10 20.23 4.36
N ILE A 460 26.53 19.03 4.39
CA ILE A 460 27.27 17.92 4.98
C ILE A 460 28.40 17.51 4.05
N LYS A 461 29.51 17.06 4.64
CA LYS A 461 30.65 16.61 3.86
C LYS A 461 30.43 15.14 3.50
N LEU A 462 30.60 14.80 2.22
CA LEU A 462 30.42 13.44 1.76
C LEU A 462 31.70 12.64 2.02
N ASP A 463 31.95 12.39 3.30
CA ASP A 463 33.11 11.64 3.74
C ASP A 463 32.80 10.21 4.12
N GLY A 464 31.53 9.83 3.99
CA GLY A 464 31.10 8.48 4.31
C GLY A 464 30.88 8.19 5.78
N SER A 465 30.81 9.24 6.60
CA SER A 465 30.64 9.04 8.03
C SER A 465 29.20 9.12 8.53
N HIS A 466 28.25 9.37 7.64
CA HIS A 466 26.87 9.52 8.07
C HIS A 466 26.03 8.26 8.06
N PRO A 467 25.14 8.11 9.07
CA PRO A 467 24.30 6.91 9.05
C PRO A 467 23.31 7.18 7.91
N ALA A 468 22.90 6.13 7.20
CA ALA A 468 21.95 6.31 6.10
C ALA A 468 20.82 5.32 6.24
N PHE A 469 19.66 5.70 5.72
CA PHE A 469 18.46 4.87 5.79
C PHE A 469 17.95 4.83 4.37
N LEU A 470 18.02 3.64 3.78
CA LEU A 470 17.64 3.40 2.38
C LEU A 470 16.39 2.56 2.30
N TYR A 471 15.38 3.11 1.65
CA TYR A 471 14.08 2.49 1.48
C TYR A 471 13.79 2.08 0.05
N GLY A 472 13.08 0.96 -0.09
CA GLY A 472 12.71 0.47 -1.41
C GLY A 472 11.53 -0.46 -1.30
N TYR A 473 10.80 -0.60 -2.40
CA TYR A 473 9.63 -1.53 -2.47
C TYR A 473 9.92 -2.42 -3.70
N GLY A 474 9.73 -1.88 -4.89
CA GLY A 474 10.06 -2.63 -6.10
C GLY A 474 9.15 -3.74 -6.55
N GLY A 475 7.92 -3.37 -6.88
CA GLY A 475 6.98 -4.37 -7.33
C GLY A 475 5.58 -3.85 -7.42
N PHE A 476 4.76 -4.67 -8.07
CA PHE A 476 3.32 -4.46 -8.22
C PHE A 476 2.87 -3.17 -8.88
N ASN A 477 3.75 -2.62 -9.72
CA ASN A 477 3.44 -1.40 -10.47
C ASN A 477 3.22 -0.20 -9.54
N ILE A 478 3.74 -0.31 -8.31
CA ILE A 478 3.60 0.78 -7.35
C ILE A 478 4.75 1.76 -7.49
N SER A 479 4.42 3.05 -7.56
CA SER A 479 5.44 4.08 -7.68
C SER A 479 5.69 4.64 -6.28
N ILE A 480 6.96 4.73 -5.89
CA ILE A 480 7.30 5.26 -4.57
C ILE A 480 7.63 6.73 -4.74
N THR A 481 6.67 7.59 -4.47
CA THR A 481 6.84 9.04 -4.65
C THR A 481 7.05 9.80 -3.34
N PRO A 482 7.53 11.06 -3.42
CA PRO A 482 7.76 11.85 -2.20
C PRO A 482 6.59 11.89 -1.24
N ASN A 483 6.88 11.80 0.05
CA ASN A 483 5.82 11.87 1.07
C ASN A 483 6.46 12.38 2.34
N TYR A 484 5.65 13.01 3.18
CA TYR A 484 6.15 13.58 4.42
C TYR A 484 6.17 12.58 5.57
N SER A 485 7.34 12.43 6.18
CA SER A 485 7.52 11.53 7.30
C SER A 485 8.36 12.22 8.37
N VAL A 486 7.70 12.55 9.48
CA VAL A 486 8.38 13.20 10.58
C VAL A 486 9.32 12.18 11.21
N SER A 487 8.96 10.89 11.17
CA SER A 487 9.82 9.86 11.74
C SER A 487 11.18 9.84 11.07
N ARG A 488 11.19 9.91 9.74
CA ARG A 488 12.45 9.92 9.00
C ARG A 488 13.21 11.25 9.19
N LEU A 489 12.50 12.37 9.33
CA LEU A 489 13.18 13.64 9.54
C LEU A 489 13.84 13.69 10.93
N ILE A 490 13.32 12.94 11.89
CA ILE A 490 13.96 12.91 13.22
C ILE A 490 15.29 12.17 13.07
N PHE A 491 15.31 11.13 12.24
CA PHE A 491 16.53 10.39 11.97
C PHE A 491 17.56 11.36 11.39
N VAL A 492 17.11 12.23 10.47
CA VAL A 492 18.03 13.20 9.87
C VAL A 492 18.51 14.26 10.88
N ARG A 493 17.57 14.92 11.54
CA ARG A 493 17.89 15.97 12.50
C ARG A 493 18.53 15.51 13.82
N HIS A 494 17.95 14.49 14.45
CA HIS A 494 18.44 14.00 15.74
C HIS A 494 19.41 12.83 15.76
N MET A 495 19.59 12.18 14.62
CA MET A 495 20.56 11.09 14.54
C MET A 495 21.61 11.35 13.47
N GLY A 496 21.53 12.52 12.83
CA GLY A 496 22.49 12.93 11.81
C GLY A 496 22.52 12.06 10.57
N GLY A 497 21.36 11.51 10.24
CA GLY A 497 21.27 10.62 9.10
C GLY A 497 20.95 11.22 7.74
N VAL A 498 21.07 10.36 6.74
CA VAL A 498 20.78 10.69 5.35
C VAL A 498 19.67 9.73 4.98
N LEU A 499 18.64 10.24 4.31
CA LEU A 499 17.51 9.42 3.86
C LEU A 499 17.64 9.17 2.34
N ALA A 500 17.37 7.94 1.88
CA ALA A 500 17.42 7.67 0.44
C ALA A 500 16.27 6.77 0.08
N VAL A 501 15.66 7.00 -1.07
CA VAL A 501 14.54 6.16 -1.53
C VAL A 501 14.88 5.81 -2.97
N ALA A 502 15.04 4.51 -3.26
CA ALA A 502 15.42 4.07 -4.60
C ALA A 502 14.21 3.61 -5.38
N ASN A 503 14.03 4.14 -6.58
CA ASN A 503 12.88 3.79 -7.40
C ASN A 503 13.23 2.65 -8.35
N ILE A 504 13.50 1.51 -7.75
CA ILE A 504 13.91 0.32 -8.50
C ILE A 504 12.83 -0.29 -9.41
N ARG A 505 13.28 -1.14 -10.33
CA ARG A 505 12.35 -1.81 -11.24
C ARG A 505 11.35 -2.70 -10.50
N GLY A 506 10.22 -2.96 -11.13
CA GLY A 506 9.16 -3.70 -10.46
C GLY A 506 8.07 -2.67 -10.11
N GLY A 507 8.50 -1.42 -9.84
CA GLY A 507 7.56 -0.35 -9.56
C GLY A 507 6.91 0.18 -10.84
N GLY A 508 6.10 1.22 -10.72
CA GLY A 508 5.44 1.77 -11.90
C GLY A 508 5.93 3.13 -12.30
N GLU A 509 7.08 3.52 -11.77
CA GLU A 509 7.64 4.85 -12.03
C GLU A 509 7.77 5.20 -13.51
N TYR A 510 8.15 4.22 -14.33
CA TYR A 510 8.28 4.42 -15.77
C TYR A 510 7.35 3.53 -16.58
N GLY A 511 6.15 3.35 -16.03
CA GLY A 511 5.11 2.59 -16.69
C GLY A 511 5.28 1.10 -16.67
N GLU A 512 4.52 0.44 -17.53
CA GLU A 512 4.57 -1.02 -17.59
C GLU A 512 5.92 -1.65 -17.87
N THR A 513 6.76 -0.97 -18.65
CA THR A 513 8.08 -1.53 -18.96
C THR A 513 8.92 -1.57 -17.69
N TRP A 514 8.68 -0.62 -16.79
CA TRP A 514 9.42 -0.57 -15.52
C TRP A 514 8.94 -1.70 -14.63
N HIS A 515 7.62 -1.91 -14.64
CA HIS A 515 7.03 -2.98 -13.85
C HIS A 515 7.53 -4.34 -14.37
N LYS A 516 7.38 -4.58 -15.66
CA LYS A 516 7.82 -5.86 -16.22
C LYS A 516 9.32 -6.12 -16.07
N GLY A 517 10.10 -5.05 -15.88
CA GLY A 517 11.54 -5.18 -15.71
C GLY A 517 11.95 -5.70 -14.34
N GLY A 518 10.97 -5.93 -13.48
CA GLY A 518 11.25 -6.42 -12.13
C GLY A 518 10.31 -7.48 -11.60
N ILE A 519 9.80 -8.32 -12.50
CA ILE A 519 8.88 -9.37 -12.09
C ILE A 519 9.22 -10.69 -12.80
N LEU A 520 8.66 -11.79 -12.27
CA LEU A 520 8.82 -13.12 -12.85
C LEU A 520 10.29 -13.47 -13.01
N ALA A 521 10.73 -13.81 -14.21
CA ALA A 521 12.12 -14.18 -14.42
C ALA A 521 13.12 -13.06 -14.13
N ASN A 522 12.64 -11.83 -14.17
CA ASN A 522 13.48 -10.65 -13.96
C ASN A 522 13.39 -10.08 -12.54
N LYS A 523 12.80 -10.83 -11.61
CA LYS A 523 12.71 -10.31 -10.25
C LYS A 523 14.11 -9.97 -9.72
N GLN A 524 15.13 -10.72 -10.12
CA GLN A 524 16.47 -10.40 -9.64
C GLN A 524 16.94 -8.98 -9.99
N ASN A 525 16.32 -8.36 -11.00
CA ASN A 525 16.68 -6.99 -11.37
C ASN A 525 16.41 -6.03 -10.22
N CYS A 526 15.31 -6.27 -9.51
CA CYS A 526 14.95 -5.45 -8.33
C CYS A 526 16.08 -5.45 -7.33
N PHE A 527 16.50 -6.65 -6.96
CA PHE A 527 17.56 -6.83 -5.99
C PHE A 527 18.86 -6.23 -6.46
N ASP A 528 19.19 -6.41 -7.74
CA ASP A 528 20.42 -5.82 -8.29
C ASP A 528 20.30 -4.31 -8.22
N ASP A 529 19.14 -3.78 -8.60
CA ASP A 529 18.94 -2.33 -8.53
C ASP A 529 19.11 -1.81 -7.13
N PHE A 530 18.51 -2.48 -6.15
CA PHE A 530 18.61 -2.00 -4.77
C PHE A 530 20.05 -2.10 -4.23
N GLN A 531 20.74 -3.19 -4.56
CA GLN A 531 22.12 -3.34 -4.13
C GLN A 531 22.99 -2.23 -4.75
N CYS A 532 22.70 -1.87 -5.99
CA CYS A 532 23.44 -0.81 -6.67
C CYS A 532 23.14 0.56 -6.04
N ALA A 533 21.97 0.68 -5.42
CA ALA A 533 21.61 1.95 -4.76
C ALA A 533 22.54 2.10 -3.57
N ALA A 534 22.66 1.01 -2.80
CA ALA A 534 23.55 0.97 -1.64
C ALA A 534 24.99 1.27 -2.05
N GLU A 535 25.45 0.65 -3.14
CA GLU A 535 26.83 0.88 -3.61
C GLU A 535 27.05 2.34 -4.00
N TYR A 536 26.04 2.97 -4.58
CA TYR A 536 26.14 4.36 -4.96
C TYR A 536 26.31 5.24 -3.73
N LEU A 537 25.48 5.03 -2.72
CA LEU A 537 25.55 5.84 -1.50
C LEU A 537 26.92 5.73 -0.82
N ILE A 538 27.53 4.55 -0.94
CA ILE A 538 28.83 4.31 -0.32
C ILE A 538 29.92 4.96 -1.17
N LYS A 539 29.89 4.71 -2.48
CA LYS A 539 30.88 5.27 -3.39
C LYS A 539 30.88 6.79 -3.38
N GLU A 540 29.69 7.38 -3.30
CA GLU A 540 29.56 8.83 -3.32
C GLU A 540 29.81 9.53 -1.99
N GLY A 541 30.06 8.75 -0.94
CA GLY A 541 30.37 9.32 0.36
C GLY A 541 29.26 9.68 1.30
N TYR A 542 28.01 9.29 1.00
CA TYR A 542 26.91 9.60 1.89
C TYR A 542 26.97 8.71 3.13
N THR A 543 27.52 7.51 2.98
CA THR A 543 27.57 6.59 4.10
C THR A 543 28.66 5.52 3.89
N SER A 544 28.68 4.53 4.78
CA SER A 544 29.62 3.42 4.72
C SER A 544 28.79 2.15 5.03
N PRO A 545 29.25 0.95 4.61
CA PRO A 545 28.49 -0.27 4.87
C PRO A 545 28.02 -0.45 6.30
N LYS A 546 28.92 -0.21 7.26
CA LYS A 546 28.61 -0.37 8.69
C LYS A 546 27.61 0.64 9.24
N ARG A 547 27.37 1.74 8.50
CA ARG A 547 26.44 2.78 8.94
C ARG A 547 25.14 2.80 8.12
N LEU A 548 25.03 1.87 7.18
CA LEU A 548 23.85 1.80 6.31
C LEU A 548 22.75 0.88 6.83
N THR A 549 21.51 1.39 6.86
CA THR A 549 20.35 0.60 7.24
C THR A 549 19.39 0.55 6.05
N ILE A 550 18.84 -0.62 5.77
CA ILE A 550 17.86 -0.73 4.68
C ILE A 550 16.54 -1.15 5.30
N ASN A 551 15.46 -0.65 4.70
CA ASN A 551 14.13 -0.93 5.19
C ASN A 551 13.12 -1.11 4.05
N GLY A 552 12.16 -1.99 4.28
CA GLY A 552 11.10 -2.24 3.32
C GLY A 552 9.99 -3.00 4.04
N GLY A 553 8.77 -2.89 3.52
CA GLY A 553 7.65 -3.61 4.10
C GLY A 553 6.91 -4.40 3.03
N SER A 554 6.44 -5.61 3.38
CA SER A 554 5.70 -6.50 2.48
C SER A 554 6.61 -6.93 1.32
N ASN A 555 6.26 -6.65 0.06
CA ASN A 555 7.17 -7.00 -1.04
C ASN A 555 8.52 -6.30 -0.76
N GLY A 556 8.48 -5.20 0.00
CA GLY A 556 9.69 -4.49 0.38
C GLY A 556 10.45 -5.25 1.47
N GLY A 557 9.73 -6.08 2.21
CA GLY A 557 10.33 -6.91 3.24
C GLY A 557 11.12 -8.00 2.54
N LEU A 558 10.55 -8.56 1.47
CA LEU A 558 11.23 -9.57 0.65
C LEU A 558 12.48 -8.93 0.09
N LEU A 559 12.35 -7.69 -0.37
CA LEU A 559 13.47 -6.95 -0.92
C LEU A 559 14.66 -6.92 0.03
N VAL A 560 14.45 -6.41 1.23
CA VAL A 560 15.56 -6.28 2.17
C VAL A 560 16.07 -7.60 2.72
N ALA A 561 15.18 -8.59 2.84
CA ALA A 561 15.60 -9.91 3.35
C ALA A 561 16.53 -10.58 2.34
N THR A 562 16.20 -10.41 1.06
CA THR A 562 17.00 -10.99 0.00
C THR A 562 18.36 -10.27 -0.08
N CYS A 563 18.35 -8.95 0.08
CA CYS A 563 19.60 -8.22 0.03
C CYS A 563 20.53 -8.62 1.19
N ALA A 564 19.94 -8.96 2.34
CA ALA A 564 20.76 -9.40 3.48
C ALA A 564 21.43 -10.71 3.15
N ASN A 565 20.71 -11.61 2.47
CA ASN A 565 21.29 -12.91 2.09
C ASN A 565 22.36 -12.79 1.00
N GLN A 566 22.07 -11.96 0.00
CA GLN A 566 22.97 -11.80 -1.16
C GLN A 566 24.20 -10.92 -0.94
N ARG A 567 24.03 -9.84 -0.19
CA ARG A 567 25.11 -8.91 0.08
C ARG A 567 25.18 -8.52 1.55
N PRO A 568 25.38 -9.50 2.46
CA PRO A 568 25.44 -9.16 3.88
C PRO A 568 26.55 -8.14 4.22
N ASP A 569 27.56 -8.08 3.35
CA ASP A 569 28.70 -7.19 3.52
C ASP A 569 28.41 -5.71 3.24
N LEU A 570 27.27 -5.44 2.61
CA LEU A 570 26.92 -4.08 2.22
C LEU A 570 26.07 -3.32 3.22
N PHE A 571 25.53 -4.01 4.22
CA PHE A 571 24.63 -3.38 5.18
C PHE A 571 24.97 -3.60 6.63
N GLY A 572 24.62 -2.62 7.45
CA GLY A 572 24.87 -2.72 8.87
C GLY A 572 23.61 -3.13 9.58
N CYS A 573 22.44 -2.74 9.06
CA CYS A 573 21.19 -3.05 9.74
C CYS A 573 20.08 -3.26 8.71
N VAL A 574 19.22 -4.23 8.96
CA VAL A 574 18.10 -4.52 8.07
C VAL A 574 16.81 -4.57 8.89
N ILE A 575 15.80 -3.83 8.45
CA ILE A 575 14.50 -3.84 9.14
C ILE A 575 13.44 -4.24 8.11
N ALA A 576 12.86 -5.41 8.32
CA ALA A 576 11.84 -5.94 7.42
C ALA A 576 10.49 -5.96 8.11
N GLN A 577 9.51 -5.29 7.52
CA GLN A 577 8.16 -5.24 8.07
C GLN A 577 7.23 -6.10 7.24
N VAL A 578 6.42 -6.92 7.92
CA VAL A 578 5.43 -7.79 7.30
C VAL A 578 5.86 -8.33 5.93
N GLY A 579 7.06 -8.90 5.88
CA GLY A 579 7.59 -9.40 4.62
C GLY A 579 7.26 -10.80 4.13
N VAL A 580 7.32 -10.96 2.81
CA VAL A 580 7.09 -12.26 2.17
C VAL A 580 8.48 -12.92 2.16
N MET A 581 8.63 -14.04 2.86
CA MET A 581 9.93 -14.71 2.96
C MET A 581 9.97 -16.13 2.39
N ASP A 582 8.83 -16.82 2.37
CA ASP A 582 8.81 -18.18 1.83
C ASP A 582 8.20 -18.07 0.44
N MET A 583 9.06 -17.95 -0.57
CA MET A 583 8.57 -17.80 -1.93
C MET A 583 8.00 -19.06 -2.54
N LEU A 584 8.14 -20.18 -1.83
CA LEU A 584 7.62 -21.46 -2.34
C LEU A 584 6.20 -21.76 -1.92
N LYS A 585 5.76 -21.15 -0.82
CA LYS A 585 4.42 -21.39 -0.29
C LYS A 585 3.54 -20.14 -0.14
N PHE A 586 4.03 -18.97 -0.54
CA PHE A 586 3.25 -17.73 -0.35
C PHE A 586 1.84 -17.77 -0.91
N HIS A 587 1.67 -18.48 -2.02
CA HIS A 587 0.39 -18.56 -2.70
C HIS A 587 -0.69 -19.38 -1.99
N LYS A 588 -0.29 -20.13 -0.98
CA LYS A 588 -1.21 -21.01 -0.24
C LYS A 588 -2.03 -20.29 0.79
N TYR A 589 -1.63 -19.08 1.17
CA TYR A 589 -2.33 -18.39 2.26
C TYR A 589 -3.10 -17.14 1.89
N THR A 590 -4.17 -16.88 2.64
CA THR A 590 -5.06 -15.73 2.45
C THR A 590 -5.17 -15.25 0.99
N ILE A 591 -4.69 -14.05 0.71
CA ILE A 591 -4.78 -13.51 -0.64
C ILE A 591 -3.49 -13.70 -1.45
N GLY A 592 -2.58 -14.51 -0.92
CA GLY A 592 -1.30 -14.78 -1.57
C GLY A 592 -1.38 -15.26 -3.00
N HIS A 593 -2.44 -15.97 -3.32
CA HIS A 593 -2.60 -16.47 -4.69
C HIS A 593 -2.57 -15.33 -5.72
N ALA A 594 -2.94 -14.13 -5.29
CA ALA A 594 -3.00 -12.94 -6.16
C ALA A 594 -1.63 -12.45 -6.61
N TRP A 595 -0.59 -12.79 -5.86
CA TRP A 595 0.77 -12.28 -6.15
C TRP A 595 1.57 -13.08 -7.16
N THR A 596 0.99 -14.14 -7.72
CA THR A 596 1.73 -14.94 -8.68
C THR A 596 2.01 -14.20 -9.98
N THR A 597 1.27 -13.12 -10.23
CA THR A 597 1.48 -12.36 -11.44
C THR A 597 2.82 -11.60 -11.40
N ASP A 598 3.32 -11.36 -10.18
CA ASP A 598 4.59 -10.68 -10.01
C ASP A 598 5.73 -11.66 -9.73
N TYR A 599 5.44 -12.71 -8.96
CA TYR A 599 6.47 -13.66 -8.55
C TYR A 599 6.55 -14.98 -9.30
N GLY A 600 5.41 -15.45 -9.79
CA GLY A 600 5.38 -16.76 -10.41
C GLY A 600 4.83 -17.66 -9.31
N CYS A 601 4.80 -18.97 -9.54
CA CYS A 601 4.27 -19.91 -8.56
C CYS A 601 5.11 -21.18 -8.62
N SER A 602 5.49 -21.71 -7.46
CA SER A 602 6.34 -22.89 -7.38
C SER A 602 5.76 -24.14 -8.00
N ASP A 603 4.45 -24.13 -8.27
CA ASP A 603 3.78 -25.26 -8.92
C ASP A 603 4.34 -25.48 -10.33
N SER A 604 4.87 -24.41 -10.93
CA SER A 604 5.48 -24.49 -12.25
C SER A 604 6.98 -24.71 -12.13
N LYS A 605 7.50 -25.63 -12.92
CA LYS A 605 8.93 -25.94 -12.92
C LYS A 605 9.76 -24.71 -13.27
N GLN A 606 9.31 -23.99 -14.30
CA GLN A 606 10.05 -22.82 -14.76
C GLN A 606 10.12 -21.77 -13.65
N HIS A 607 8.97 -21.54 -13.02
CA HIS A 607 8.87 -20.54 -11.95
C HIS A 607 9.68 -20.96 -10.73
N PHE A 608 9.59 -22.23 -10.36
CA PHE A 608 10.31 -22.72 -9.19
C PHE A 608 11.79 -22.38 -9.35
N GLU A 609 12.30 -22.58 -10.57
CA GLU A 609 13.69 -22.30 -10.85
C GLU A 609 14.12 -20.85 -10.58
N TRP A 610 13.21 -19.89 -10.78
CA TRP A 610 13.52 -18.48 -10.49
C TRP A 610 13.45 -18.28 -8.99
N LEU A 611 12.35 -18.75 -8.41
CA LEU A 611 12.06 -18.56 -6.99
C LEU A 611 13.11 -19.09 -6.04
N ILE A 612 13.55 -20.31 -6.28
CA ILE A 612 14.51 -20.93 -5.39
C ILE A 612 15.82 -20.17 -5.26
N LYS A 613 16.18 -19.39 -6.28
CA LYS A 613 17.43 -18.66 -6.25
C LYS A 613 17.44 -17.47 -5.33
N TYR A 614 16.25 -16.93 -5.02
CA TYR A 614 16.20 -15.77 -4.15
C TYR A 614 15.28 -15.86 -2.94
N SER A 615 14.41 -16.85 -2.90
CA SER A 615 13.49 -17.01 -1.74
C SER A 615 14.33 -16.84 -0.47
N PRO A 616 14.04 -15.81 0.35
CA PRO A 616 14.84 -15.61 1.57
C PRO A 616 14.94 -16.83 2.50
N LEU A 617 13.83 -17.48 2.74
CA LEU A 617 13.79 -18.64 3.62
C LEU A 617 14.71 -19.77 3.17
N HIS A 618 14.99 -19.82 1.88
CA HIS A 618 15.81 -20.89 1.31
C HIS A 618 17.18 -20.47 0.89
N ASN A 619 17.63 -19.30 1.31
CA ASN A 619 18.96 -18.82 0.92
C ASN A 619 19.77 -18.24 2.06
N VAL A 620 19.45 -18.65 3.28
CA VAL A 620 20.21 -18.20 4.46
C VAL A 620 21.49 -19.05 4.46
N LYS A 621 22.64 -18.39 4.44
CA LYS A 621 23.90 -19.11 4.40
C LYS A 621 24.98 -18.31 5.06
N LEU A 622 25.82 -18.98 5.85
CA LEU A 622 26.91 -18.30 6.53
C LEU A 622 27.82 -17.71 5.48
N PRO A 623 28.21 -16.44 5.65
CA PRO A 623 29.10 -15.79 4.68
C PRO A 623 30.40 -16.59 4.65
N GLU A 624 30.99 -16.75 3.48
CA GLU A 624 32.25 -17.52 3.35
C GLU A 624 33.44 -16.90 4.08
N ALA A 625 33.66 -15.60 3.85
CA ALA A 625 34.77 -14.88 4.47
C ALA A 625 34.61 -14.82 5.99
N ASP A 626 35.69 -15.13 6.70
CA ASP A 626 35.69 -15.14 8.15
C ASP A 626 35.40 -13.76 8.77
N ASP A 627 35.67 -12.70 8.02
CA ASP A 627 35.45 -11.34 8.50
C ASP A 627 34.08 -10.76 8.17
N ILE A 628 33.21 -11.56 7.55
CA ILE A 628 31.89 -11.07 7.19
C ILE A 628 30.83 -11.86 7.93
N GLN A 629 29.88 -11.16 8.53
CA GLN A 629 28.78 -11.80 9.24
C GLN A 629 27.52 -11.15 8.67
N TYR A 630 26.35 -11.59 9.13
CA TYR A 630 25.12 -10.97 8.64
C TYR A 630 24.91 -9.66 9.40
N PRO A 631 24.16 -8.72 8.78
CA PRO A 631 23.86 -7.43 9.37
C PRO A 631 22.92 -7.68 10.54
N SER A 632 22.72 -6.68 11.39
CA SER A 632 21.76 -6.82 12.47
C SER A 632 20.41 -6.83 11.75
N MET A 633 19.49 -7.70 12.15
CA MET A 633 18.19 -7.75 11.48
C MET A 633 17.05 -7.70 12.46
N LEU A 634 16.00 -6.98 12.07
CA LEU A 634 14.81 -6.89 12.90
C LEU A 634 13.59 -7.10 11.99
N LEU A 635 12.81 -8.14 12.27
CA LEU A 635 11.60 -8.41 11.51
C LEU A 635 10.44 -7.96 12.36
N LEU A 636 9.49 -7.27 11.76
CA LEU A 636 8.30 -6.80 12.48
C LEU A 636 7.05 -7.38 11.83
N THR A 637 6.17 -7.93 12.65
CA THR A 637 4.91 -8.48 12.15
C THR A 637 3.86 -8.33 13.26
N ALA A 638 2.67 -8.89 13.04
CA ALA A 638 1.60 -8.77 14.03
C ALA A 638 0.62 -9.94 13.91
N ASP A 639 -0.10 -10.20 15.00
CA ASP A 639 -1.05 -11.30 15.09
C ASP A 639 -2.20 -11.28 14.10
N HIS A 640 -2.62 -10.10 13.67
CA HIS A 640 -3.71 -10.02 12.71
C HIS A 640 -3.20 -9.56 11.34
N ALA A 641 -1.90 -9.74 11.07
CA ALA A 641 -1.32 -9.33 9.79
C ALA A 641 -1.67 -10.40 8.77
N ASP A 642 -2.91 -10.33 8.30
CA ASP A 642 -3.46 -11.31 7.38
C ASP A 642 -3.27 -11.07 5.90
N ARG A 643 -2.57 -10.01 5.51
CA ARG A 643 -2.31 -9.75 4.09
C ARG A 643 -1.13 -10.67 3.73
N VAL A 644 -0.05 -10.49 4.48
CA VAL A 644 1.15 -11.31 4.34
C VAL A 644 1.20 -11.96 5.72
N VAL A 645 0.83 -13.24 5.78
CA VAL A 645 0.79 -13.95 7.07
C VAL A 645 2.12 -13.98 7.84
N PRO A 646 2.05 -13.92 9.17
CA PRO A 646 3.26 -13.93 10.01
C PRO A 646 4.19 -15.11 9.87
N LEU A 647 3.65 -16.26 9.47
CA LEU A 647 4.47 -17.46 9.33
C LEU A 647 5.74 -17.23 8.49
N HIS A 648 5.65 -16.32 7.51
CA HIS A 648 6.81 -16.03 6.69
C HIS A 648 7.98 -15.56 7.55
N SER A 649 7.68 -14.60 8.41
CA SER A 649 8.68 -14.01 9.29
C SER A 649 9.10 -14.99 10.38
N LEU A 650 8.14 -15.74 10.91
CA LEU A 650 8.45 -16.71 11.96
C LEU A 650 9.45 -17.77 11.48
N LYS A 651 9.17 -18.36 10.33
CA LYS A 651 10.09 -19.37 9.79
C LYS A 651 11.42 -18.75 9.41
N PHE A 652 11.41 -17.53 8.87
CA PHE A 652 12.64 -16.90 8.48
C PHE A 652 13.53 -16.62 9.71
N ILE A 653 12.96 -16.07 10.78
CA ILE A 653 13.80 -15.76 11.95
C ILE A 653 14.33 -17.02 12.62
N ALA A 654 13.54 -18.09 12.61
CA ALA A 654 14.00 -19.35 13.20
C ALA A 654 15.19 -19.86 12.40
N THR A 655 15.13 -19.71 11.09
CA THR A 655 16.20 -20.18 10.23
C THR A 655 17.46 -19.31 10.41
N LEU A 656 17.27 -17.99 10.47
CA LEU A 656 18.39 -17.08 10.66
C LEU A 656 19.09 -17.39 11.99
N GLN A 657 18.31 -17.59 13.06
CA GLN A 657 18.89 -17.85 14.38
C GLN A 657 19.62 -19.17 14.47
N TYR A 658 19.15 -20.17 13.73
CA TYR A 658 19.80 -21.47 13.75
C TYR A 658 21.07 -21.53 12.88
N ILE A 659 20.95 -21.11 11.63
CA ILE A 659 22.05 -21.15 10.68
C ILE A 659 23.12 -20.09 10.94
N VAL A 660 22.69 -18.85 11.16
CA VAL A 660 23.62 -17.74 11.37
C VAL A 660 23.82 -17.37 12.83
N GLY A 661 22.73 -17.34 13.59
CA GLY A 661 22.79 -16.98 14.99
C GLY A 661 23.66 -17.85 15.86
N ARG A 662 23.82 -19.11 15.47
CA ARG A 662 24.65 -20.05 16.24
C ARG A 662 26.14 -19.98 15.91
N SER A 663 26.51 -19.22 14.87
CA SER A 663 27.91 -19.12 14.50
C SER A 663 28.67 -18.20 15.45
N ARG A 664 29.89 -18.59 15.78
CA ARG A 664 30.74 -17.83 16.69
C ARG A 664 30.97 -16.39 16.21
N LYS A 665 31.16 -16.22 14.91
CA LYS A 665 31.42 -14.89 14.36
C LYS A 665 30.22 -13.96 14.31
N GLN A 666 29.02 -14.50 14.49
CA GLN A 666 27.83 -13.67 14.46
C GLN A 666 27.58 -12.96 15.79
N ASN A 667 27.86 -11.66 15.84
CA ASN A 667 27.63 -10.86 17.04
C ASN A 667 26.43 -9.92 16.87
N ASN A 668 26.03 -9.65 15.62
CA ASN A 668 24.88 -8.78 15.34
C ASN A 668 23.58 -9.55 15.64
N PRO A 669 22.62 -8.89 16.33
CA PRO A 669 21.36 -9.57 16.65
C PRO A 669 20.46 -9.84 15.44
N LEU A 670 19.67 -10.92 15.55
CA LEU A 670 18.71 -11.37 14.53
C LEU A 670 17.43 -11.57 15.34
N LEU A 671 16.58 -10.54 15.32
CA LEU A 671 15.35 -10.51 16.13
C LEU A 671 14.05 -10.30 15.39
N ILE A 672 12.96 -10.75 16.01
CA ILE A 672 11.62 -10.57 15.47
C ILE A 672 10.71 -10.03 16.58
N HIS A 673 9.79 -9.13 16.22
CA HIS A 673 8.81 -8.64 17.18
C HIS A 673 7.43 -8.81 16.57
N VAL A 674 6.54 -9.48 17.30
CA VAL A 674 5.17 -9.71 16.85
C VAL A 674 4.28 -8.86 17.74
N ASP A 675 3.59 -7.91 17.14
CA ASP A 675 2.70 -7.02 17.89
C ASP A 675 1.30 -7.63 18.01
N THR A 676 0.51 -7.14 18.95
CA THR A 676 -0.84 -7.63 19.14
C THR A 676 -1.85 -6.58 18.68
N LYS A 677 -3.04 -7.03 18.29
CA LYS A 677 -4.11 -6.14 17.82
C LYS A 677 -3.68 -5.20 16.69
N ALA A 678 -2.87 -5.74 15.79
CA ALA A 678 -2.41 -4.96 14.66
C ALA A 678 -2.32 -5.86 13.46
N GLY A 679 -2.24 -5.26 12.29
CA GLY A 679 -2.17 -6.02 11.04
C GLY A 679 -1.10 -5.55 10.08
N HIS A 680 -1.45 -5.60 8.78
CA HIS A 680 -0.54 -5.22 7.70
C HIS A 680 -0.02 -3.80 7.83
N GLY A 681 -0.87 -2.90 8.31
CA GLY A 681 -0.45 -1.53 8.49
C GLY A 681 -1.55 -0.50 8.37
N ALA A 682 -2.43 -0.69 7.39
CA ALA A 682 -3.53 0.25 7.20
C ALA A 682 -4.42 0.32 8.42
N GLY A 683 -4.75 1.54 8.81
CA GLY A 683 -5.61 1.74 9.96
C GLY A 683 -4.92 1.62 11.31
N LYS A 684 -3.60 1.47 11.30
CA LYS A 684 -2.90 1.37 12.58
C LYS A 684 -3.10 2.67 13.35
N PRO A 685 -3.44 2.59 14.64
CA PRO A 685 -3.65 3.79 15.45
C PRO A 685 -2.33 4.53 15.71
N THR A 686 -2.42 5.86 15.78
CA THR A 686 -1.27 6.71 16.05
C THR A 686 -0.37 6.20 17.19
N ALA A 687 -0.97 5.78 18.30
CA ALA A 687 -0.18 5.29 19.43
C ALA A 687 0.75 4.16 19.01
N LYS A 688 0.22 3.21 18.23
CA LYS A 688 1.04 2.11 17.75
C LYS A 688 2.08 2.55 16.72
N VAL A 689 1.73 3.49 15.86
CA VAL A 689 2.67 3.98 14.85
C VAL A 689 3.90 4.58 15.56
N ILE A 690 3.65 5.38 16.57
CA ILE A 690 4.76 5.98 17.32
C ILE A 690 5.62 4.92 17.99
N GLU A 691 5.00 3.91 18.57
CA GLU A 691 5.74 2.83 19.22
C GLU A 691 6.61 2.09 18.21
N GLU A 692 6.05 1.81 17.04
CA GLU A 692 6.75 1.10 15.98
C GLU A 692 7.97 1.84 15.45
N VAL A 693 7.81 3.12 15.12
CA VAL A 693 8.95 3.88 14.61
C VAL A 693 10.01 4.03 15.72
N SER A 694 9.55 4.15 16.97
CA SER A 694 10.48 4.25 18.10
C SER A 694 11.32 2.97 18.24
N ASP A 695 10.68 1.82 18.04
CA ASP A 695 11.37 0.52 18.11
C ASP A 695 12.43 0.45 17.00
N MET A 696 11.99 0.76 15.80
CA MET A 696 12.84 0.75 14.61
C MET A 696 14.10 1.60 14.75
N PHE A 697 13.92 2.87 15.11
CA PHE A 697 15.08 3.75 15.23
C PHE A 697 15.95 3.46 16.45
N ALA A 698 15.35 2.86 17.47
CA ALA A 698 16.09 2.45 18.66
C ALA A 698 16.99 1.27 18.24
N PHE A 699 16.46 0.38 17.41
CA PHE A 699 17.21 -0.78 16.96
C PHE A 699 18.42 -0.30 16.19
N ILE A 700 18.19 0.64 15.29
CA ILE A 700 19.24 1.21 14.47
C ILE A 700 20.32 1.87 15.32
N ALA A 701 19.87 2.69 16.28
CA ALA A 701 20.77 3.41 17.17
C ALA A 701 21.64 2.47 17.98
N ARG A 702 21.02 1.44 18.55
CA ARG A 702 21.77 0.48 19.36
C ARG A 702 22.76 -0.36 18.56
N CYS A 703 22.33 -0.87 17.42
CA CYS A 703 23.21 -1.69 16.59
C CYS A 703 24.39 -0.93 15.99
N LEU A 704 24.14 0.32 15.62
CA LEU A 704 25.17 1.17 15.02
C LEU A 704 25.86 2.12 16.00
N ASN A 705 25.41 2.09 17.26
CA ASN A 705 25.93 2.96 18.32
C ASN A 705 25.91 4.43 17.94
N ILE A 706 24.73 4.91 17.50
CA ILE A 706 24.56 6.31 17.10
C ILE A 706 24.15 7.17 18.29
N ASP A 707 24.84 8.29 18.49
CA ASP A 707 24.52 9.21 19.57
C ASP A 707 23.37 10.12 19.18
N TRP A 708 22.49 10.39 20.13
CA TRP A 708 21.35 11.27 19.90
C TRP A 708 21.87 12.70 19.86
N ILE A 709 21.33 13.50 18.95
CA ILE A 709 21.71 14.90 18.81
C ILE A 709 20.45 15.67 19.22
N PRO A 710 20.48 16.30 20.40
CA PRO A 710 19.36 17.08 20.95
C PRO A 710 18.87 18.18 20.03
N GLY B . -2.42 -6.20 -2.77
CA GLY B . -1.02 -6.46 -3.02
C GLY B . -0.27 -6.55 -1.72
O GLY B . -0.79 -6.12 -0.68
N PRO C . 0.90 -7.19 -1.70
CA PRO C . 1.68 -7.31 -0.48
C PRO C . 2.47 -6.01 -0.35
O PRO C . 3.62 -5.96 -0.83
CB PRO C . 2.57 -8.51 -0.76
CG PRO C . 2.84 -8.40 -2.22
CD PRO C . 1.52 -7.95 -2.80
OXT PRO C . 1.95 -5.05 0.28
C1 SIN D . -6.18 -7.89 -3.86
O1 SIN D . -5.69 -8.68 -4.70
O2 SIN D . -7.09 -7.09 -4.12
C2 SIN D . -5.64 -7.93 -2.44
C3 SIN D . -4.68 -6.80 -2.16
C4 SIN D . -3.24 -7.19 -2.40
O3 SIN D . -2.85 -8.35 -2.28
C1 GOL E . -22.28 -13.89 -14.03
O1 GOL E . -22.47 -14.42 -12.74
C2 GOL E . -21.54 -14.90 -14.90
O2 GOL E . -20.19 -15.05 -14.42
C3 GOL E . -21.53 -14.44 -16.37
O3 GOL E . -20.88 -15.40 -17.20
C1 GOL F . 29.53 -7.79 7.24
O1 GOL F . 30.28 -8.13 8.40
C2 GOL F . 28.61 -6.61 7.55
O2 GOL F . 29.33 -5.62 8.30
C3 GOL F . 27.37 -7.06 8.32
O3 GOL F . 26.76 -5.95 8.97
C1 GOL G . -12.95 3.42 -11.18
O1 GOL G . -11.56 3.28 -10.88
C2 GOL G . -13.23 4.66 -12.07
O2 GOL G . -12.05 5.50 -12.35
C3 GOL G . -14.35 5.50 -11.45
O3 GOL G . -14.32 6.86 -11.91
#